data_4W4M
#
_entry.id   4W4M
#
_cell.length_a   88.120
_cell.length_b   112.100
_cell.length_c   112.100
_cell.angle_alpha   90.00
_cell.angle_beta   90.00
_cell.angle_gamma   90.00
#
_symmetry.space_group_name_H-M   'P 21 21 2'
#
_entity_poly.entity_id   1
_entity_poly.type   'polypeptide(L)'
_entity_poly.pdbx_seq_one_letter_code
;GSHMKDKDLLKGLDQEQANEVIAVLQMHNIEANKIDSGKLGYSITVAEPDFTAAVYWIKTYQLPPRPRVEIAQMFPAD
;
_entity_poly.pdbx_strand_id   A,B,C,D,E,F,G,H,I,J,K,L,M,N
#
# COMPACT_ATOMS: atom_id res chain seq x y z
N LYS A 5 28.38 -9.85 -28.90
CA LYS A 5 26.91 -9.64 -29.02
C LYS A 5 26.06 -10.74 -28.39
N ASP A 6 26.21 -11.97 -28.87
CA ASP A 6 25.48 -13.14 -28.36
C ASP A 6 26.36 -13.97 -27.42
N LYS A 7 26.02 -14.02 -26.12
CA LYS A 7 26.83 -14.79 -25.12
C LYS A 7 26.22 -16.19 -24.92
N ASP A 8 27.07 -17.07 -24.43
CA ASP A 8 26.86 -18.50 -24.40
C ASP A 8 26.31 -18.93 -23.03
N LEU A 9 25.01 -19.18 -22.97
CA LEU A 9 24.28 -19.36 -21.70
C LEU A 9 24.42 -20.76 -21.08
N LEU A 10 24.08 -21.79 -21.85
CA LEU A 10 24.22 -23.18 -21.43
C LEU A 10 24.80 -23.98 -22.57
N LYS A 11 25.36 -25.13 -22.26
CA LYS A 11 25.84 -26.05 -23.30
C LYS A 11 25.85 -27.47 -22.76
N GLY A 12 26.17 -28.41 -23.63
CA GLY A 12 26.16 -29.83 -23.26
C GLY A 12 24.76 -30.33 -22.99
N LEU A 13 23.78 -29.77 -23.70
CA LEU A 13 22.38 -30.12 -23.46
C LEU A 13 21.78 -31.15 -24.42
N ASP A 14 20.90 -31.96 -23.83
CA ASP A 14 19.92 -32.80 -24.50
C ASP A 14 19.10 -31.95 -25.46
N GLN A 15 18.39 -32.56 -26.40
CA GLN A 15 17.53 -31.77 -27.28
C GLN A 15 16.29 -31.27 -26.55
N GLU A 16 15.75 -32.10 -25.65
CA GLU A 16 14.54 -31.74 -24.90
C GLU A 16 14.93 -30.71 -23.87
N GLN A 17 16.03 -30.95 -23.17
CA GLN A 17 16.56 -29.93 -22.23
C GLN A 17 16.67 -28.58 -22.89
N ALA A 18 17.28 -28.54 -24.07
CA ALA A 18 17.43 -27.30 -24.82
C ALA A 18 16.08 -26.63 -25.02
N ASN A 19 15.12 -27.37 -25.55
CA ASN A 19 13.78 -26.83 -25.85
C ASN A 19 13.08 -26.23 -24.65
N GLU A 20 13.15 -26.92 -23.53
CA GLU A 20 12.53 -26.40 -22.31
C GLU A 20 13.15 -25.09 -21.86
N VAL A 21 14.47 -24.97 -21.97
CA VAL A 21 15.12 -23.73 -21.60
C VAL A 21 14.61 -22.62 -22.49
N ILE A 22 14.47 -22.88 -23.78
CA ILE A 22 14.03 -21.84 -24.73
C ILE A 22 12.60 -21.44 -24.49
N ALA A 23 11.78 -22.44 -24.18
CA ALA A 23 10.39 -22.22 -23.83
C ALA A 23 10.28 -21.29 -22.63
N VAL A 24 10.98 -21.63 -21.54
CA VAL A 24 10.88 -20.86 -20.31
C VAL A 24 11.40 -19.44 -20.52
N LEU A 25 12.45 -19.29 -21.30
CA LEU A 25 12.94 -17.94 -21.60
C LEU A 25 11.95 -17.15 -22.45
N GLN A 26 11.31 -17.84 -23.41
CA GLN A 26 10.32 -17.21 -24.27
C GLN A 26 9.15 -16.71 -23.46
N MET A 27 8.76 -17.50 -22.47
CA MET A 27 7.70 -17.11 -21.56
C MET A 27 8.03 -15.88 -20.73
N HIS A 28 9.30 -15.47 -20.69
CA HIS A 28 9.66 -14.25 -19.98
C HIS A 28 10.33 -13.27 -20.91
N ASN A 29 9.88 -13.25 -22.17
CA ASN A 29 10.29 -12.26 -23.16
C ASN A 29 11.78 -12.18 -23.43
N ILE A 30 12.48 -13.29 -23.27
CA ILE A 30 13.87 -13.42 -23.70
C ILE A 30 13.93 -14.39 -24.87
N GLU A 31 14.46 -13.93 -25.98
CA GLU A 31 14.59 -14.80 -27.13
C GLU A 31 15.94 -15.46 -27.10
N ALA A 32 15.96 -16.78 -27.19
CA ALA A 32 17.20 -17.55 -27.17
C ALA A 32 17.39 -18.36 -28.46
N ASN A 33 18.64 -18.68 -28.75
CA ASN A 33 18.96 -19.55 -29.87
C ASN A 33 19.47 -20.87 -29.36
N LYS A 34 19.04 -21.93 -30.02
CA LYS A 34 19.50 -23.28 -29.73
C LYS A 34 20.48 -23.66 -30.83
N ILE A 35 21.63 -24.18 -30.43
CA ILE A 35 22.74 -24.43 -31.36
C ILE A 35 23.24 -25.88 -31.26
N ASP A 36 23.08 -26.64 -32.35
CA ASP A 36 23.50 -28.02 -32.38
C ASP A 36 25.01 -28.11 -32.60
N SER A 37 25.70 -28.65 -31.59
CA SER A 37 27.16 -28.85 -31.69
C SER A 37 27.45 -30.33 -31.73
N GLY A 38 26.55 -31.08 -32.36
CA GLY A 38 26.75 -32.49 -32.66
C GLY A 38 26.93 -33.33 -31.41
N LYS A 39 28.09 -33.95 -31.30
CA LYS A 39 28.38 -34.84 -30.18
C LYS A 39 28.55 -34.12 -28.87
N LEU A 40 28.64 -32.80 -28.91
CA LEU A 40 28.77 -31.99 -27.70
C LEU A 40 27.41 -31.49 -27.21
N GLY A 41 26.34 -31.88 -27.90
CA GLY A 41 24.98 -31.50 -27.53
C GLY A 41 24.64 -30.08 -27.97
N TYR A 42 23.50 -29.61 -27.48
CA TYR A 42 23.04 -28.27 -27.82
C TYR A 42 23.54 -27.26 -26.80
N SER A 43 23.73 -26.04 -27.26
CA SER A 43 23.99 -24.92 -26.39
C SER A 43 22.91 -23.88 -26.60
N ILE A 44 22.77 -23.00 -25.61
CA ILE A 44 21.80 -21.92 -25.64
C ILE A 44 22.53 -20.60 -25.61
N THR A 45 22.12 -19.69 -26.46
CA THR A 45 22.76 -18.41 -26.62
C THR A 45 21.61 -17.53 -26.18
N VAL A 46 21.83 -16.47 -25.39
CA VAL A 46 21.33 -15.12 -25.65
C VAL A 46 22.15 -13.89 -26.00
N ALA A 47 21.42 -12.80 -26.26
CA ALA A 47 21.98 -11.46 -26.40
C ALA A 47 22.53 -10.98 -25.07
N GLU A 48 23.76 -10.46 -25.07
CA GLU A 48 24.37 -9.96 -23.82
C GLU A 48 23.39 -9.27 -22.83
N PRO A 49 22.65 -8.22 -23.25
CA PRO A 49 21.67 -7.59 -22.36
C PRO A 49 20.79 -8.57 -21.57
N ASP A 50 20.35 -9.65 -22.22
CA ASP A 50 19.42 -10.58 -21.59
C ASP A 50 20.09 -11.60 -20.69
N PHE A 51 21.42 -11.58 -20.61
CA PHE A 51 22.15 -12.62 -19.87
C PHE A 51 21.69 -12.70 -18.40
N THR A 52 21.78 -11.60 -17.68
CA THR A 52 21.39 -11.57 -16.26
C THR A 52 19.99 -12.12 -16.03
N ALA A 53 19.05 -11.63 -16.84
CA ALA A 53 17.65 -12.06 -16.72
C ALA A 53 17.53 -13.55 -17.00
N ALA A 54 18.14 -14.00 -18.10
CA ALA A 54 18.09 -15.40 -18.50
C ALA A 54 18.63 -16.29 -17.38
N VAL A 55 19.77 -15.92 -16.79
CA VAL A 55 20.33 -16.66 -15.68
C VAL A 55 19.33 -16.68 -14.51
N TYR A 56 18.62 -15.57 -14.29
CA TYR A 56 17.63 -15.51 -13.23
C TYR A 56 16.56 -16.59 -13.41
N TRP A 57 15.99 -16.66 -14.61
CA TRP A 57 14.91 -17.61 -14.87
C TRP A 57 15.35 -19.06 -14.84
N ILE A 58 16.56 -19.32 -15.30
CA ILE A 58 17.09 -20.67 -15.28
C ILE A 58 17.30 -21.13 -13.84
N LYS A 59 17.77 -20.24 -12.95
CA LYS A 59 17.83 -20.58 -11.50
C LYS A 59 16.46 -20.82 -10.99
N THR A 60 15.58 -19.87 -11.28
CA THR A 60 14.22 -19.87 -10.78
C THR A 60 13.48 -21.15 -11.15
N TYR A 61 13.56 -21.56 -12.41
CA TYR A 61 12.87 -22.77 -12.87
C TYR A 61 13.72 -24.02 -12.71
N GLN A 62 14.93 -23.87 -12.17
CA GLN A 62 15.85 -24.99 -11.94
C GLN A 62 16.21 -25.78 -13.19
N LEU A 63 16.35 -25.06 -14.30
CA LEU A 63 16.72 -25.67 -15.56
C LEU A 63 18.24 -25.85 -15.62
N PRO A 64 18.70 -26.83 -16.42
CA PRO A 64 17.93 -27.80 -17.18
C PRO A 64 17.46 -28.99 -16.34
N PRO A 65 16.42 -29.71 -16.78
CA PRO A 65 15.97 -30.82 -15.93
C PRO A 65 16.96 -32.00 -15.87
N LYS B 5 0.59 -5.41 25.82
CA LYS B 5 2.08 -5.39 25.95
C LYS B 5 2.78 -6.67 25.44
N ASP B 6 2.44 -7.82 26.04
CA ASP B 6 3.01 -9.12 25.68
C ASP B 6 2.02 -9.92 24.83
N LYS B 7 2.37 -10.17 23.59
CA LYS B 7 1.51 -10.89 22.68
C LYS B 7 1.87 -12.37 22.63
N ASP B 8 0.89 -13.15 22.19
CA ASP B 8 0.88 -14.60 22.31
C ASP B 8 1.38 -15.26 21.01
N LEU B 9 2.63 -15.71 21.01
CA LEU B 9 3.30 -16.13 19.78
C LEU B 9 2.96 -17.55 19.32
N LEU B 10 3.16 -18.51 20.21
CA LEU B 10 2.82 -19.90 19.95
C LEU B 10 2.13 -20.48 21.16
N LYS B 11 1.42 -21.58 20.99
CA LYS B 11 0.82 -22.29 22.12
C LYS B 11 0.59 -23.75 21.74
N GLY B 12 0.13 -24.54 22.71
CA GLY B 12 -0.05 -25.96 22.51
C GLY B 12 1.26 -26.70 22.32
N LEU B 13 2.32 -26.21 22.98
CA LEU B 13 3.66 -26.76 22.80
C LEU B 13 4.10 -27.76 23.87
N ASP B 14 4.85 -28.75 23.39
CA ASP B 14 5.70 -29.64 24.16
C ASP B 14 6.63 -28.80 25.02
N GLN B 15 7.24 -29.39 26.04
CA GLN B 15 8.25 -28.65 26.83
C GLN B 15 9.56 -28.43 26.07
N GLU B 16 9.96 -29.41 25.28
CA GLU B 16 11.20 -29.32 24.49
C GLU B 16 10.94 -28.37 23.35
N GLN B 17 9.81 -28.50 22.67
CA GLN B 17 9.45 -27.56 21.62
C GLN B 17 9.54 -26.13 22.11
N ALA B 18 8.95 -25.87 23.27
CA ALA B 18 8.98 -24.53 23.86
C ALA B 18 10.39 -24.03 24.04
N ASN B 19 11.24 -24.85 24.66
CA ASN B 19 12.64 -24.49 24.88
C ASN B 19 13.43 -24.14 23.63
N GLU B 20 13.28 -24.95 22.58
CA GLU B 20 13.96 -24.68 21.32
C GLU B 20 13.52 -23.35 20.71
N VAL B 21 12.24 -23.02 20.78
CA VAL B 21 11.76 -21.75 20.29
C VAL B 21 12.42 -20.61 21.07
N ILE B 22 12.53 -20.73 22.37
CA ILE B 22 13.11 -19.66 23.20
C ILE B 22 14.59 -19.53 22.94
N ALA B 23 15.25 -20.66 22.76
CA ALA B 23 16.67 -20.68 22.41
C ALA B 23 16.92 -19.92 21.10
N VAL B 24 16.18 -20.28 20.05
CA VAL B 24 16.37 -19.66 18.72
C VAL B 24 16.04 -18.17 18.76
N LEU B 25 15.03 -17.78 19.50
CA LEU B 25 14.73 -16.35 19.65
C LEU B 25 15.83 -15.62 20.45
N GLN B 26 16.36 -16.27 21.48
CA GLN B 26 17.44 -15.69 22.28
C GLN B 26 18.68 -15.47 21.43
N MET B 27 18.96 -16.42 20.54
CA MET B 27 20.06 -16.30 19.59
C MET B 27 19.90 -15.14 18.62
N HIS B 28 18.70 -14.55 18.52
CA HIS B 28 18.51 -13.39 17.67
C HIS B 28 17.99 -12.21 18.47
N ASN B 29 18.44 -12.12 19.71
CA ASN B 29 18.17 -10.97 20.58
C ASN B 29 16.72 -10.66 20.84
N ILE B 30 15.86 -11.67 20.81
CA ILE B 30 14.48 -11.54 21.22
C ILE B 30 14.28 -12.36 22.49
N GLU B 31 13.83 -11.70 23.55
CA GLU B 31 13.60 -12.39 24.79
C GLU B 31 12.15 -12.87 24.80
N ALA B 32 11.95 -14.15 25.04
CA ALA B 32 10.61 -14.74 25.09
C ALA B 32 10.30 -15.37 26.46
N ASN B 33 9.02 -15.47 26.78
CA ASN B 33 8.58 -16.15 27.98
C ASN B 33 7.90 -17.44 27.60
N LYS B 34 8.18 -18.47 28.38
CA LYS B 34 7.53 -19.76 28.26
C LYS B 34 6.53 -19.88 29.38
N ILE B 35 5.30 -20.28 29.05
CA ILE B 35 4.19 -20.23 29.97
C ILE B 35 3.46 -21.58 30.04
N ASP B 36 3.52 -22.22 31.20
CA ASP B 36 2.91 -23.52 31.38
C ASP B 36 1.42 -23.38 31.59
N SER B 37 0.65 -23.93 30.67
CA SER B 37 -0.81 -23.93 30.76
C SER B 37 -1.30 -25.34 30.99
N GLY B 38 -0.49 -26.13 31.70
CA GLY B 38 -0.87 -27.46 32.17
C GLY B 38 -1.18 -28.40 31.03
N LYS B 39 -2.41 -28.87 30.99
CA LYS B 39 -2.83 -29.86 30.02
C LYS B 39 -2.94 -29.26 28.61
N LEU B 40 -2.84 -27.94 28.50
CA LEU B 40 -2.88 -27.27 27.19
C LEU B 40 -1.48 -27.01 26.65
N GLY B 41 -0.46 -27.46 27.37
CA GLY B 41 0.93 -27.29 26.95
C GLY B 41 1.46 -25.91 27.22
N TYR B 42 2.65 -25.65 26.70
CA TYR B 42 3.32 -24.36 26.89
C TYR B 42 2.95 -23.42 25.76
N SER B 43 2.93 -22.14 26.08
CA SER B 43 2.82 -21.09 25.08
C SER B 43 4.04 -20.18 25.17
N ILE B 44 4.30 -19.45 24.10
CA ILE B 44 5.42 -18.53 24.04
C ILE B 44 4.86 -17.13 23.87
N THR B 45 5.36 -16.19 24.66
CA THR B 45 4.92 -14.77 24.58
C THR B 45 6.22 -14.16 24.07
N VAL B 46 6.15 -13.20 23.15
CA VAL B 46 6.85 -11.92 23.25
C VAL B 46 6.21 -10.56 23.45
N ALA B 47 7.08 -9.56 23.61
CA ALA B 47 6.71 -8.16 23.60
C ALA B 47 6.23 -7.77 22.21
N GLU B 48 5.10 -7.08 22.12
CA GLU B 48 4.56 -6.67 20.81
C GLU B 48 5.59 -6.23 19.77
N PRO B 49 6.46 -5.26 20.08
CA PRO B 49 7.52 -4.88 19.14
C PRO B 49 8.26 -6.06 18.47
N ASP B 50 8.55 -7.11 19.24
CA ASP B 50 9.36 -8.21 18.73
C ASP B 50 8.56 -9.22 17.94
N PHE B 51 7.25 -9.02 17.83
CA PHE B 51 6.39 -10.02 17.21
C PHE B 51 6.83 -10.34 15.78
N THR B 52 6.87 -9.32 14.94
CA THR B 52 7.24 -9.51 13.53
C THR B 52 8.56 -10.27 13.38
N ALA B 53 9.57 -9.85 14.15
CA ALA B 53 10.88 -10.47 14.09
C ALA B 53 10.80 -11.92 14.54
N ALA B 54 10.14 -12.15 15.67
CA ALA B 54 10.01 -13.48 16.22
C ALA B 54 9.36 -14.39 15.20
N VAL B 55 8.28 -13.93 14.56
CA VAL B 55 7.61 -14.75 13.52
C VAL B 55 8.58 -15.05 12.39
N TYR B 56 9.43 -14.09 12.06
CA TYR B 56 10.42 -14.28 11.01
C TYR B 56 11.32 -15.47 11.34
N TRP B 57 11.87 -15.48 12.55
CA TRP B 57 12.83 -16.52 12.92
C TRP B 57 12.20 -17.90 13.06
N ILE B 58 10.96 -17.94 13.53
CA ILE B 58 10.24 -19.19 13.66
C ILE B 58 9.97 -19.79 12.29
N LYS B 59 9.63 -18.95 11.32
CA LYS B 59 9.48 -19.39 9.93
C LYS B 59 10.81 -19.88 9.39
N THR B 60 11.82 -19.06 9.59
CA THR B 60 13.17 -19.32 9.12
C THR B 60 13.71 -20.65 9.64
N TYR B 61 13.59 -20.89 10.95
CA TYR B 61 14.11 -22.13 11.56
C TYR B 61 13.08 -23.25 11.52
N GLN B 62 11.90 -22.98 10.95
CA GLN B 62 10.83 -23.98 10.82
C GLN B 62 10.37 -24.57 12.15
N LEU B 63 10.34 -23.71 13.17
CA LEU B 63 9.89 -24.11 14.50
C LEU B 63 8.35 -24.07 14.56
N PRO B 64 7.75 -24.86 15.46
CA PRO B 64 8.37 -25.85 16.35
C PRO B 64 8.67 -27.18 15.63
N PRO B 65 9.59 -27.98 16.15
CA PRO B 65 9.88 -29.24 15.44
C PRO B 65 8.72 -30.24 15.50
N LYS C 5 16.71 -12.85 35.36
CA LYS C 5 18.11 -13.36 35.53
C LYS C 5 18.25 -14.87 35.35
N ASP C 6 17.55 -15.65 36.19
CA ASP C 6 17.53 -17.12 36.14
C ASP C 6 16.27 -17.63 35.47
N LYS C 7 16.40 -18.26 34.31
CA LYS C 7 15.26 -18.76 33.57
C LYS C 7 15.02 -20.24 33.83
N ASP C 8 13.78 -20.65 33.56
CA ASP C 8 13.24 -21.92 33.98
C ASP C 8 13.36 -22.96 32.87
N LEU C 9 14.34 -23.85 32.99
CA LEU C 9 14.72 -24.77 31.90
C LEU C 9 13.82 -26.01 31.76
N LEU C 10 13.70 -26.78 32.83
CA LEU C 10 12.84 -27.96 32.87
C LEU C 10 12.06 -27.97 34.16
N LYS C 11 10.96 -28.71 34.20
CA LYS C 11 10.19 -28.87 35.44
C LYS C 11 9.42 -30.17 35.39
N GLY C 12 8.76 -30.49 36.49
CA GLY C 12 8.04 -31.75 36.60
C GLY C 12 8.96 -32.95 36.61
N LEU C 13 10.16 -32.79 37.18
CA LEU C 13 11.17 -33.84 37.16
C LEU C 13 11.28 -34.69 38.42
N ASP C 14 11.55 -35.97 38.17
CA ASP C 14 12.04 -36.94 39.14
C ASP C 14 13.28 -36.39 39.81
N GLN C 15 13.69 -36.95 40.94
CA GLN C 15 14.93 -36.48 41.58
C GLN C 15 16.17 -36.92 40.80
N GLU C 16 16.11 -38.15 40.26
CA GLU C 16 17.25 -38.68 39.51
C GLU C 16 17.30 -37.96 38.19
N GLN C 17 16.17 -37.82 37.53
CA GLN C 17 16.12 -37.05 36.29
C GLN C 17 16.78 -35.70 36.47
N ALA C 18 16.42 -34.99 37.53
CA ALA C 18 16.98 -33.68 37.82
C ALA C 18 18.49 -33.76 37.90
N ASN C 19 19.00 -34.67 38.72
CA ASN C 19 20.45 -34.84 38.88
C ASN C 19 21.23 -35.09 37.61
N GLU C 20 20.71 -35.95 36.75
CA GLU C 20 21.36 -36.22 35.48
C GLU C 20 21.43 -34.98 34.59
N VAL C 21 20.36 -34.18 34.58
CA VAL C 21 20.37 -32.96 33.79
C VAL C 21 21.46 -32.04 34.31
N ILE C 22 21.59 -31.92 35.62
CA ILE C 22 22.60 -31.04 36.22
C ILE C 22 24.01 -31.54 35.96
N ALA C 23 24.19 -32.86 36.03
CA ALA C 23 25.46 -33.49 35.71
C ALA C 23 25.87 -33.18 34.28
N VAL C 24 24.99 -33.42 33.33
CA VAL C 24 25.32 -33.21 31.91
C VAL C 24 25.59 -31.74 31.63
N LEU C 25 24.83 -30.84 32.25
CA LEU C 25 25.12 -29.42 32.08
C LEU C 25 26.47 -29.03 32.71
N GLN C 26 26.78 -29.61 33.87
CA GLN C 26 28.06 -29.36 34.53
C GLN C 26 29.23 -29.80 33.68
N MET C 27 29.07 -30.95 33.02
CA MET C 27 30.05 -31.45 32.08
C MET C 27 30.27 -30.53 30.88
N HIS C 28 29.40 -29.57 30.64
CA HIS C 28 29.59 -28.64 29.55
C HIS C 28 29.62 -27.22 30.08
N ASN C 29 30.17 -27.07 31.28
CA ASN C 29 30.45 -25.74 31.88
C ASN C 29 29.24 -24.82 32.07
N ILE C 30 28.05 -25.41 32.23
CA ILE C 30 26.85 -24.67 32.56
C ILE C 30 26.45 -25.07 33.97
N GLU C 31 26.34 -24.08 34.84
CA GLU C 31 25.94 -24.35 36.20
C GLU C 31 24.43 -24.21 36.30
N ALA C 32 23.77 -25.23 36.82
CA ALA C 32 22.31 -25.24 36.97
C ALA C 32 21.88 -25.40 38.41
N ASN C 33 20.68 -24.92 38.71
CA ASN C 33 20.09 -25.11 40.02
C ASN C 33 18.93 -26.09 39.92
N LYS C 34 18.85 -26.97 40.90
CA LYS C 34 17.75 -27.91 41.04
C LYS C 34 16.84 -27.38 42.15
N ILE C 35 15.53 -27.34 41.87
CA ILE C 35 14.58 -26.67 42.75
C ILE C 35 13.41 -27.59 43.09
N ASP C 36 13.29 -27.95 44.37
CA ASP C 36 12.23 -28.87 44.81
C ASP C 36 10.93 -28.12 44.95
N SER C 37 9.96 -28.51 44.14
CA SER C 37 8.63 -27.91 44.21
C SER C 37 7.63 -28.94 44.71
N GLY C 38 8.11 -29.80 45.61
CA GLY C 38 7.27 -30.74 46.33
C GLY C 38 6.54 -31.71 45.41
N LYS C 39 5.21 -31.68 45.43
CA LYS C 39 4.38 -32.61 44.63
C LYS C 39 4.47 -32.31 43.14
N LEU C 40 5.06 -31.17 42.77
CA LEU C 40 5.22 -30.81 41.37
C LEU C 40 6.59 -31.23 40.82
N GLY C 41 7.39 -31.88 41.66
CA GLY C 41 8.70 -32.39 41.26
C GLY C 41 9.75 -31.30 41.23
N TYR C 42 10.92 -31.64 40.68
CA TYR C 42 12.04 -30.71 40.60
C TYR C 42 12.01 -29.97 39.29
N SER C 43 12.49 -28.74 39.32
CA SER C 43 12.71 -27.97 38.12
C SER C 43 14.19 -27.61 38.05
N ILE C 44 14.63 -27.27 36.85
CA ILE C 44 16.01 -26.88 36.61
C ILE C 44 16.01 -25.43 36.14
N THR C 45 16.88 -24.61 36.72
CA THR C 45 17.01 -23.19 36.33
C THR C 45 18.42 -23.25 35.72
N VAL C 46 18.67 -22.55 34.62
CA VAL C 46 19.82 -21.64 34.45
C VAL C 46 19.76 -20.11 34.36
N ALA C 47 20.97 -19.54 34.32
CA ALA C 47 21.18 -18.14 34.00
C ALA C 47 20.79 -17.89 32.54
N GLU C 48 20.00 -16.83 32.28
CA GLU C 48 19.58 -16.51 30.91
C GLU C 48 20.64 -16.75 29.81
N PRO C 49 21.86 -16.17 29.94
CA PRO C 49 22.92 -16.43 28.94
C PRO C 49 23.09 -17.90 28.57
N ASP C 50 23.00 -18.79 29.55
CA ASP C 50 23.28 -20.20 29.32
C ASP C 50 22.08 -20.96 28.74
N PHE C 51 20.93 -20.29 28.58
CA PHE C 51 19.71 -20.98 28.16
C PHE C 51 19.90 -21.74 26.84
N THR C 52 20.28 -21.01 25.79
CA THR C 52 20.47 -21.61 24.47
C THR C 52 21.37 -22.84 24.52
N ALA C 53 22.51 -22.70 25.18
CA ALA C 53 23.48 -23.78 25.29
C ALA C 53 22.89 -24.96 26.03
N ALA C 54 22.28 -24.67 27.18
CA ALA C 54 21.66 -25.70 27.99
C ALA C 54 20.62 -26.48 27.18
N VAL C 55 19.76 -25.78 26.44
CA VAL C 55 18.76 -26.45 25.59
C VAL C 55 19.47 -27.33 24.55
N TYR C 56 20.60 -26.87 24.04
CA TYR C 56 21.35 -27.64 23.09
C TYR C 56 21.77 -28.98 23.69
N TRP C 57 22.36 -28.97 24.87
CA TRP C 57 22.85 -30.20 25.49
C TRP C 57 21.75 -31.16 25.92
N ILE C 58 20.64 -30.62 26.37
CA ILE C 58 19.49 -31.43 26.75
C ILE C 58 18.93 -32.16 25.52
N LYS C 59 18.87 -31.47 24.38
CA LYS C 59 18.46 -32.10 23.13
C LYS C 59 19.47 -33.16 22.75
N THR C 60 20.74 -32.77 22.78
CA THR C 60 21.85 -33.64 22.38
C THR C 60 21.91 -34.93 23.19
N TYR C 61 21.79 -34.82 24.51
CA TYR C 61 21.82 -35.99 25.38
C TYR C 61 20.44 -36.61 25.58
N GLN C 62 19.41 -36.05 24.94
CA GLN C 62 18.04 -36.57 25.01
C GLN C 62 17.50 -36.67 26.43
N LEU C 63 17.85 -35.68 27.24
CA LEU C 63 17.36 -35.58 28.60
C LEU C 63 15.98 -34.92 28.63
N PRO C 64 15.18 -35.21 29.66
CA PRO C 64 15.44 -36.16 30.75
C PRO C 64 15.21 -37.62 30.33
N PRO C 65 15.92 -38.56 30.99
CA PRO C 65 15.68 -39.98 30.78
C PRO C 65 14.41 -40.39 31.52
N ARG C 66 14.03 -41.66 31.40
CA ARG C 66 13.08 -42.39 32.25
C ARG C 66 13.19 -42.09 33.77
N LYS D 5 -17.23 -2.66 17.35
CA LYS D 5 -15.88 -2.09 17.61
C LYS D 5 -14.74 -2.85 16.91
N ASP D 6 -14.58 -4.13 17.27
CA ASP D 6 -13.59 -5.03 16.68
C ASP D 6 -14.24 -5.96 15.68
N LYS D 7 -13.88 -5.80 14.41
CA LYS D 7 -14.46 -6.59 13.34
C LYS D 7 -13.58 -7.80 13.01
N ASP D 8 -14.23 -8.78 12.41
CA ASP D 8 -13.68 -10.12 12.23
C ASP D 8 -13.06 -10.28 10.84
N LEU D 9 -11.73 -10.22 10.76
CA LEU D 9 -11.01 -10.10 9.48
C LEU D 9 -10.82 -11.42 8.72
N LEU D 10 -10.23 -12.40 9.38
CA LEU D 10 -10.06 -13.74 8.82
C LEU D 10 -10.38 -14.76 9.87
N LYS D 11 -10.61 -15.99 9.43
CA LYS D 11 -10.90 -17.05 10.33
C LYS D 11 -10.53 -18.38 9.72
N GLY D 12 -10.66 -19.46 10.49
CA GLY D 12 -10.35 -20.80 10.00
C GLY D 12 -8.88 -20.96 9.70
N LEU D 13 -8.04 -20.26 10.45
CA LEU D 13 -6.61 -20.24 10.19
C LEU D 13 -5.77 -21.19 11.04
N ASP D 14 -4.76 -21.71 10.38
CA ASP D 14 -3.59 -22.34 10.97
C ASP D 14 -2.98 -21.40 12.00
N GLN D 15 -2.14 -21.92 12.90
CA GLN D 15 -1.45 -21.04 13.85
C GLN D 15 -0.37 -20.21 13.19
N GLU D 16 0.34 -20.80 12.22
CA GLU D 16 1.39 -20.08 11.52
C GLU D 16 0.74 -19.07 10.59
N GLN D 17 -0.27 -19.49 9.86
CA GLN D 17 -1.00 -18.55 9.01
C GLN D 17 -1.42 -17.31 9.80
N ALA D 18 -2.00 -17.53 10.97
CA ALA D 18 -2.43 -16.44 11.82
C ALA D 18 -1.28 -15.51 12.10
N ASN D 19 -0.16 -16.06 12.56
CA ASN D 19 1.02 -15.25 12.92
C ASN D 19 1.54 -14.39 11.80
N GLU D 20 1.63 -14.95 10.60
CA GLU D 20 2.09 -14.20 9.45
C GLU D 20 1.16 -13.03 9.12
N VAL D 21 -0.14 -13.23 9.23
CA VAL D 21 -1.07 -12.15 8.98
C VAL D 21 -0.82 -11.04 10.00
N ILE D 22 -0.62 -11.39 11.26
CA ILE D 22 -0.43 -10.36 12.31
C ILE D 22 0.88 -9.63 12.13
N ALA D 23 1.92 -10.37 11.73
CA ALA D 23 3.21 -9.80 11.41
C ALA D 23 3.08 -8.75 10.30
N VAL D 24 2.45 -9.13 9.18
CA VAL D 24 2.33 -8.24 8.03
C VAL D 24 1.49 -7.02 8.37
N LEU D 25 0.44 -7.18 9.15
CA LEU D 25 -0.34 -6.03 9.58
C LEU D 25 0.47 -5.14 10.53
N GLN D 26 1.25 -5.74 11.41
CA GLN D 26 2.10 -4.99 12.34
C GLN D 26 3.12 -4.15 11.60
N MET D 27 3.67 -4.72 10.54
CA MET D 27 4.59 -4.01 9.66
C MET D 27 3.95 -2.81 8.95
N HIS D 28 2.62 -2.70 8.97
CA HIS D 28 1.98 -1.55 8.37
C HIS D 28 1.11 -0.85 9.39
N ASN D 29 1.56 -0.87 10.64
CA ASN D 29 0.95 -0.09 11.72
C ASN D 29 -0.51 -0.40 12.03
N ILE D 30 -0.93 -1.62 11.75
CA ILE D 30 -2.27 -2.10 12.14
C ILE D 30 -2.08 -3.17 13.20
N GLU D 31 -2.69 -2.96 14.35
CA GLU D 31 -2.57 -3.93 15.42
C GLU D 31 -3.73 -4.89 15.31
N ALA D 32 -3.44 -6.19 15.26
CA ALA D 32 -4.47 -7.23 15.15
C ALA D 32 -4.44 -8.17 16.32
N ASN D 33 -5.58 -8.80 16.57
CA ASN D 33 -5.67 -9.82 17.60
C ASN D 33 -5.86 -11.16 16.95
N LYS D 34 -5.16 -12.15 17.50
CA LYS D 34 -5.29 -13.53 17.10
C LYS D 34 -6.14 -14.22 18.14
N ILE D 35 -7.16 -14.96 17.70
CA ILE D 35 -8.16 -15.54 18.59
C ILE D 35 -8.31 -17.05 18.36
N ASP D 36 -7.95 -17.85 19.38
CA ASP D 36 -8.03 -19.30 19.27
C ASP D 36 -9.45 -19.75 19.46
N SER D 37 -10.02 -20.36 18.42
CA SER D 37 -11.36 -20.91 18.49
C SER D 37 -11.28 -22.43 18.41
N GLY D 38 -10.21 -22.99 18.95
CA GLY D 38 -10.05 -24.43 19.11
C GLY D 38 -10.03 -25.18 17.80
N LYS D 39 -11.01 -26.06 17.61
CA LYS D 39 -11.11 -26.88 16.40
C LYS D 39 -11.46 -26.06 15.17
N LEU D 40 -11.88 -24.81 15.35
CA LEU D 40 -12.25 -23.95 14.24
C LEU D 40 -11.08 -23.09 13.81
N GLY D 41 -9.93 -23.28 14.45
CA GLY D 41 -8.71 -22.55 14.10
C GLY D 41 -8.69 -21.15 14.70
N TYR D 42 -7.71 -20.36 14.27
CA TYR D 42 -7.58 -19.00 14.70
C TYR D 42 -8.33 -18.05 13.79
N SER D 43 -8.80 -16.96 14.36
CA SER D 43 -9.35 -15.85 13.60
C SER D 43 -8.54 -14.60 13.91
N ILE D 44 -8.62 -13.63 13.01
CA ILE D 44 -7.93 -12.36 13.16
C ILE D 44 -8.97 -11.27 13.24
N THR D 45 -8.77 -10.36 14.19
CA THR D 45 -9.69 -9.29 14.47
C THR D 45 -8.77 -8.12 14.13
N VAL D 46 -9.25 -7.10 13.44
CA VAL D 46 -9.09 -5.69 13.83
C VAL D 46 -10.17 -4.73 14.29
N ALA D 47 -9.72 -3.54 14.68
CA ALA D 47 -10.59 -2.39 14.95
C ALA D 47 -11.25 -1.94 13.66
N GLU D 48 -12.56 -1.71 13.69
CA GLU D 48 -13.29 -1.21 12.51
C GLU D 48 -12.51 -0.26 11.59
N PRO D 49 -12.05 0.89 12.13
CA PRO D 49 -11.25 1.82 11.31
C PRO D 49 -10.17 1.16 10.45
N ASP D 50 -9.49 0.15 10.99
CA ASP D 50 -8.36 -0.46 10.29
C ASP D 50 -8.78 -1.54 9.29
N PHE D 51 -10.08 -1.83 9.20
CA PHE D 51 -10.53 -2.91 8.34
C PHE D 51 -10.10 -2.73 6.88
N THR D 52 -10.48 -1.61 6.26
CA THR D 52 -10.14 -1.36 4.87
C THR D 52 -8.64 -1.53 4.60
N ALA D 53 -7.83 -0.93 5.46
CA ALA D 53 -6.38 -0.99 5.31
C ALA D 53 -5.88 -2.42 5.44
N ALA D 54 -6.34 -3.10 6.48
CA ALA D 54 -5.96 -4.47 6.72
C ALA D 54 -6.29 -5.33 5.50
N VAL D 55 -7.50 -5.18 4.95
CA VAL D 55 -7.88 -5.95 3.76
C VAL D 55 -6.93 -5.64 2.61
N TYR D 56 -6.51 -4.38 2.52
CA TYR D 56 -5.59 -3.99 1.47
C TYR D 56 -4.31 -4.80 1.57
N TRP D 57 -3.72 -4.85 2.76
CA TRP D 57 -2.42 -5.53 2.92
C TRP D 57 -2.49 -7.04 2.77
N ILE D 58 -3.60 -7.62 3.18
CA ILE D 58 -3.81 -9.05 3.02
C ILE D 58 -3.92 -9.41 1.56
N LYS D 59 -4.60 -8.57 0.77
CA LYS D 59 -4.67 -8.74 -0.68
C LYS D 59 -3.27 -8.58 -1.28
N THR D 60 -2.62 -7.49 -0.88
CA THR D 60 -1.29 -7.14 -1.38
C THR D 60 -0.26 -8.24 -1.12
N TYR D 61 -0.22 -8.76 0.09
CA TYR D 61 0.73 -9.82 0.44
C TYR D 61 0.18 -11.22 0.15
N GLN D 62 -1.04 -11.31 -0.37
CA GLN D 62 -1.68 -12.57 -0.75
C GLN D 62 -1.82 -13.56 0.42
N LEU D 63 -2.10 -13.01 1.59
CA LEU D 63 -2.28 -13.81 2.79
C LEU D 63 -3.72 -14.36 2.81
N PRO D 64 -3.94 -15.49 3.48
CA PRO D 64 -2.94 -16.31 4.17
C PRO D 64 -2.20 -17.26 3.20
N PRO D 65 -1.00 -17.72 3.57
CA PRO D 65 -0.34 -18.63 2.64
C PRO D 65 -1.06 -19.99 2.47
N LYS E 5 -35.17 -4.91 9.53
CA LYS E 5 -34.05 -4.00 9.99
C LYS E 5 -32.80 -4.11 9.12
N ASP E 6 -32.16 -5.29 9.19
CA ASP E 6 -30.95 -5.61 8.45
C ASP E 6 -31.27 -6.49 7.25
N LYS E 7 -31.08 -5.96 6.05
CA LYS E 7 -31.39 -6.66 4.83
C LYS E 7 -30.17 -7.36 4.25
N ASP E 8 -30.44 -8.37 3.45
CA ASP E 8 -29.47 -9.34 3.01
C ASP E 8 -28.92 -8.96 1.64
N LEU E 9 -27.71 -8.40 1.61
CA LEU E 9 -27.15 -7.78 0.39
C LEU E 9 -26.52 -8.77 -0.62
N LEU E 10 -25.58 -9.59 -0.17
CA LEU E 10 -24.96 -10.61 -0.98
C LEU E 10 -24.85 -11.88 -0.19
N LYS E 11 -24.66 -13.00 -0.86
CA LYS E 11 -24.46 -14.26 -0.18
C LYS E 11 -23.71 -15.23 -1.10
N GLY E 12 -23.37 -16.39 -0.59
CA GLY E 12 -22.58 -17.35 -1.33
C GLY E 12 -21.16 -16.88 -1.62
N LEU E 13 -20.61 -16.09 -0.70
CA LEU E 13 -19.30 -15.49 -0.90
C LEU E 13 -18.12 -16.23 -0.25
N ASP E 14 -17.02 -16.19 -0.99
CA ASP E 14 -15.67 -16.46 -0.52
C ASP E 14 -15.37 -15.59 0.71
N GLN E 15 -14.36 -15.92 1.50
CA GLN E 15 -14.00 -15.07 2.64
C GLN E 15 -13.34 -13.78 2.19
N GLU E 16 -12.52 -13.87 1.14
CA GLU E 16 -11.85 -12.68 0.64
C GLU E 16 -12.87 -11.81 -0.08
N GLN E 17 -13.70 -12.43 -0.93
CA GLN E 17 -14.77 -11.68 -1.57
C GLN E 17 -15.57 -10.88 -0.55
N ALA E 18 -15.96 -11.53 0.54
CA ALA E 18 -16.71 -10.86 1.58
C ALA E 18 -15.97 -9.63 2.07
N ASN E 19 -14.72 -9.80 2.45
CA ASN E 19 -13.90 -8.71 3.00
C ASN E 19 -13.80 -7.52 2.09
N GLU E 20 -13.59 -7.76 0.80
CA GLU E 20 -13.48 -6.68 -0.16
C GLU E 20 -14.79 -5.89 -0.25
N VAL E 21 -15.92 -6.58 -0.21
CA VAL E 21 -17.20 -5.89 -0.26
C VAL E 21 -17.33 -4.99 0.96
N ILE E 22 -16.93 -5.47 2.13
CA ILE E 22 -17.05 -4.70 3.36
C ILE E 22 -16.12 -3.51 3.35
N ALA E 23 -14.92 -3.73 2.83
CA ALA E 23 -13.94 -2.67 2.67
C ALA E 23 -14.51 -1.54 1.81
N VAL E 24 -15.01 -1.89 0.63
CA VAL E 24 -15.51 -0.89 -0.31
C VAL E 24 -16.71 -0.16 0.25
N LEU E 25 -17.58 -0.86 0.97
CA LEU E 25 -18.71 -0.19 1.59
C LEU E 25 -18.24 0.73 2.73
N GLN E 26 -17.23 0.29 3.48
CA GLN E 26 -16.69 1.10 4.57
C GLN E 26 -16.10 2.39 4.03
N MET E 27 -15.43 2.30 2.88
CA MET E 27 -14.89 3.47 2.19
C MET E 27 -15.97 4.45 1.74
N HIS E 28 -17.24 4.06 1.76
CA HIS E 28 -18.28 4.99 1.39
C HIS E 28 -19.28 5.11 2.51
N ASN E 29 -18.78 5.03 3.75
CA ASN E 29 -19.58 5.27 4.95
C ASN E 29 -20.81 4.39 5.15
N ILE E 30 -20.76 3.17 4.60
CA ILE E 30 -21.79 2.16 4.85
C ILE E 30 -21.17 1.05 5.68
N GLU E 31 -21.73 0.79 6.85
CA GLU E 31 -21.24 -0.26 7.68
C GLU E 31 -21.96 -1.54 7.33
N ALA E 32 -21.21 -2.59 7.04
CA ALA E 32 -21.80 -3.89 6.70
C ALA E 32 -21.36 -4.99 7.65
N ASN E 33 -22.18 -6.03 7.75
CA ASN E 33 -21.83 -7.21 8.54
C ASN E 33 -21.56 -8.38 7.62
N LYS E 34 -20.53 -9.13 7.97
CA LYS E 34 -20.16 -10.35 7.27
C LYS E 34 -20.63 -11.52 8.13
N ILE E 35 -21.31 -12.47 7.51
CA ILE E 35 -21.99 -13.53 8.25
C ILE E 35 -21.61 -14.91 7.70
N ASP E 36 -20.93 -15.70 8.53
CA ASP E 36 -20.48 -17.02 8.11
C ASP E 36 -21.63 -17.99 8.16
N SER E 37 -21.99 -18.53 6.99
CA SER E 37 -23.04 -19.55 6.92
C SER E 37 -22.44 -20.88 6.51
N GLY E 38 -21.20 -21.12 6.98
CA GLY E 38 -20.54 -22.41 6.82
C GLY E 38 -20.32 -22.81 5.39
N LYS E 39 -20.90 -23.95 5.00
CA LYS E 39 -20.70 -24.48 3.64
C LYS E 39 -21.44 -23.61 2.59
N LEU E 40 -22.28 -22.66 3.02
CA LEU E 40 -22.99 -21.77 2.10
C LEU E 40 -22.22 -20.48 1.87
N GLY E 41 -21.05 -20.36 2.49
CA GLY E 41 -20.21 -19.18 2.36
C GLY E 41 -20.69 -18.02 3.21
N TYR E 42 -20.07 -16.86 2.98
CA TYR E 42 -20.43 -15.65 3.72
C TYR E 42 -21.49 -14.86 3.00
N SER E 43 -22.30 -14.16 3.78
CA SER E 43 -23.26 -13.22 3.26
C SER E 43 -22.96 -11.86 3.85
N ILE E 44 -23.44 -10.82 3.18
CA ILE E 44 -23.25 -9.45 3.60
C ILE E 44 -24.60 -8.84 3.89
N THR E 45 -24.69 -8.13 5.00
CA THR E 45 -25.93 -7.58 5.48
C THR E 45 -25.53 -6.12 5.42
N VAL E 46 -26.39 -5.22 4.95
CA VAL E 46 -26.71 -3.97 5.64
C VAL E 46 -28.04 -3.59 6.27
N ALA E 47 -28.04 -2.41 6.89
CA ALA E 47 -29.25 -1.73 7.38
C ALA E 47 -30.11 -1.29 6.21
N GLU E 48 -31.40 -1.59 6.27
CA GLU E 48 -32.33 -1.19 5.19
C GLU E 48 -32.00 0.15 4.51
N PRO E 49 -31.94 1.27 5.27
CA PRO E 49 -31.61 2.57 4.69
C PRO E 49 -30.41 2.56 3.72
N ASP E 50 -29.37 1.79 4.05
CA ASP E 50 -28.16 1.78 3.25
C ASP E 50 -28.22 0.86 2.03
N PHE E 51 -29.32 0.13 1.86
CA PHE E 51 -29.41 -0.86 0.79
C PHE E 51 -29.14 -0.24 -0.59
N THR E 52 -29.94 0.76 -0.96
CA THR E 52 -29.79 1.40 -2.28
C THR E 52 -28.36 1.86 -2.56
N ALA E 53 -27.77 2.53 -1.59
CA ALA E 53 -26.40 3.02 -1.70
C ALA E 53 -25.42 1.87 -1.85
N ALA E 54 -25.53 0.87 -0.97
CA ALA E 54 -24.67 -0.29 -1.01
C ALA E 54 -24.74 -0.97 -2.38
N VAL E 55 -25.94 -1.18 -2.91
CA VAL E 55 -26.08 -1.76 -4.25
C VAL E 55 -25.37 -0.89 -5.29
N TYR E 56 -25.46 0.42 -5.11
CA TYR E 56 -24.80 1.33 -6.04
C TYR E 56 -23.30 1.05 -6.09
N TRP E 57 -22.66 0.98 -4.92
CA TRP E 57 -21.20 0.83 -4.86
C TRP E 57 -20.73 -0.54 -5.32
N ILE E 58 -21.52 -1.56 -5.06
CA ILE E 58 -21.19 -2.90 -5.52
C ILE E 58 -21.25 -2.98 -7.04
N LYS E 59 -22.22 -2.32 -7.63
CA LYS E 59 -22.26 -2.21 -9.07
C LYS E 59 -21.07 -1.43 -9.59
N THR E 60 -20.86 -0.28 -8.98
CA THR E 60 -19.80 0.63 -9.37
C THR E 60 -18.42 -0.02 -9.31
N TYR E 61 -18.12 -0.73 -8.23
CA TYR E 61 -16.83 -1.40 -8.08
C TYR E 61 -16.84 -2.82 -8.65
N GLN E 62 -17.97 -3.24 -9.22
CA GLN E 62 -18.10 -4.54 -9.88
C GLN E 62 -17.81 -5.71 -8.95
N LEU E 63 -18.22 -5.56 -7.70
CA LEU E 63 -18.04 -6.60 -6.68
C LEU E 63 -19.18 -7.62 -6.79
N PRO E 64 -18.93 -8.84 -6.35
CA PRO E 64 -17.65 -9.37 -5.87
C PRO E 64 -16.66 -9.72 -6.98
N PRO E 65 -15.35 -9.64 -6.68
CA PRO E 65 -14.33 -10.11 -7.61
C PRO E 65 -14.27 -11.64 -7.60
N ARG E 66 -13.38 -12.19 -8.43
CA ARG E 66 -12.90 -13.60 -8.48
C ARG E 66 -13.12 -14.11 -9.90
N LYS F 5 -3.54 16.94 26.70
CA LYS F 5 -3.55 15.86 25.66
C LYS F 5 -2.21 15.66 24.96
N ASP F 6 -1.76 16.71 24.26
CA ASP F 6 -0.46 16.72 23.53
C ASP F 6 0.59 17.49 24.32
N LYS F 7 1.60 16.80 24.80
CA LYS F 7 2.64 17.41 25.61
C LYS F 7 3.84 17.80 24.77
N ASP F 8 4.60 18.74 25.31
CA ASP F 8 5.64 19.46 24.59
C ASP F 8 7.01 18.83 24.83
N LEU F 9 7.49 18.05 23.86
CA LEU F 9 8.67 17.19 24.05
C LEU F 9 10.02 17.92 23.91
N LEU F 10 10.23 18.59 22.78
CA LEU F 10 11.43 19.41 22.54
C LEU F 10 11.03 20.73 21.93
N LYS F 11 11.89 21.72 22.01
CA LYS F 11 11.64 23.02 21.36
C LYS F 11 12.98 23.69 21.08
N GLY F 12 12.92 24.83 20.40
CA GLY F 12 14.12 25.55 19.99
C GLY F 12 14.94 24.82 18.96
N LEU F 13 14.27 24.05 18.10
CA LEU F 13 14.98 23.19 17.15
C LEU F 13 15.12 23.78 15.76
N ASP F 14 16.27 23.44 15.15
CA ASP F 14 16.42 23.61 13.67
C ASP F 14 15.42 22.79 12.94
N GLN F 15 15.29 23.02 11.65
CA GLN F 15 14.33 22.24 10.87
C GLN F 15 14.80 20.80 10.64
N GLU F 16 16.12 20.62 10.45
CA GLU F 16 16.66 19.26 10.26
C GLU F 16 16.63 18.52 11.58
N GLN F 17 17.07 19.15 12.66
CA GLN F 17 16.96 18.55 13.98
C GLN F 17 15.56 18.03 14.25
N ALA F 18 14.56 18.86 13.98
CA ALA F 18 13.17 18.48 14.17
C ALA F 18 12.86 17.20 13.40
N ASN F 19 13.19 17.19 12.11
CA ASN F 19 12.92 16.04 11.25
C ASN F 19 13.53 14.74 11.72
N GLU F 20 14.79 14.79 12.15
CA GLU F 20 15.47 13.56 12.65
C GLU F 20 14.80 13.03 13.93
N VAL F 21 14.33 13.92 14.80
CA VAL F 21 13.60 13.48 15.97
C VAL F 21 12.31 12.76 15.55
N ILE F 22 11.59 13.31 14.58
CA ILE F 22 10.32 12.72 14.17
C ILE F 22 10.54 11.39 13.49
N ALA F 23 11.60 11.33 12.69
CA ALA F 23 11.99 10.08 12.02
C ALA F 23 12.27 8.98 13.03
N VAL F 24 13.13 9.26 14.01
CA VAL F 24 13.50 8.27 15.03
C VAL F 24 12.28 7.84 15.87
N LEU F 25 11.39 8.77 16.20
CA LEU F 25 10.18 8.40 16.92
C LEU F 25 9.27 7.55 16.04
N GLN F 26 9.18 7.89 14.76
CA GLN F 26 8.34 7.13 13.83
C GLN F 26 8.83 5.71 13.71
N MET F 27 10.14 5.55 13.69
CA MET F 27 10.77 4.23 13.67
C MET F 27 10.45 3.38 14.91
N HIS F 28 9.93 4.00 15.96
CA HIS F 28 9.56 3.25 17.15
C HIS F 28 8.10 3.48 17.47
N ASN F 29 7.29 3.63 16.42
CA ASN F 29 5.82 3.67 16.52
C ASN F 29 5.24 4.76 17.40
N ILE F 30 5.96 5.87 17.51
CA ILE F 30 5.45 7.06 18.17
C ILE F 30 5.26 8.13 17.11
N GLU F 31 4.03 8.62 16.99
CA GLU F 31 3.72 9.63 16.00
C GLU F 31 3.92 10.99 16.71
N ALA F 32 4.77 11.85 16.12
CA ALA F 32 5.03 13.17 16.67
C ALA F 32 4.62 14.29 15.71
N ASN F 33 4.36 15.47 16.26
CA ASN F 33 4.08 16.62 15.47
C ASN F 33 5.24 17.59 15.56
N LYS F 34 5.56 18.18 14.41
CA LYS F 34 6.54 19.24 14.32
C LYS F 34 5.80 20.57 14.19
N ILE F 35 6.18 21.55 15.00
CA ILE F 35 5.45 22.81 15.10
C ILE F 35 6.36 24.01 14.90
N ASP F 36 6.13 24.76 13.83
CA ASP F 36 6.95 25.92 13.52
C ASP F 36 6.54 27.09 14.39
N SER F 37 7.46 27.55 15.23
CA SER F 37 7.21 28.72 16.06
C SER F 37 8.10 29.86 15.61
N GLY F 38 8.35 29.92 14.30
CA GLY F 38 9.04 31.04 13.67
C GLY F 38 10.45 31.23 14.18
N LYS F 39 10.72 32.40 14.77
CA LYS F 39 12.05 32.73 15.26
C LYS F 39 12.46 31.87 16.45
N LEU F 40 11.52 31.15 17.05
CA LEU F 40 11.80 30.32 18.22
C LEU F 40 12.08 28.88 17.80
N GLY F 41 12.08 28.63 16.49
CA GLY F 41 12.38 27.32 15.95
C GLY F 41 11.22 26.37 16.05
N TYR F 42 11.50 25.10 15.76
CA TYR F 42 10.47 24.06 15.80
C TYR F 42 10.44 23.40 17.16
N SER F 43 9.25 22.95 17.53
CA SER F 43 9.06 22.15 18.72
C SER F 43 8.44 20.84 18.31
N ILE F 44 8.59 19.84 19.16
CA ILE F 44 8.06 18.51 18.91
C ILE F 44 7.03 18.24 19.99
N THR F 45 5.86 17.74 19.58
CA THR F 45 4.78 17.40 20.54
C THR F 45 4.77 15.87 20.33
N VAL F 46 4.60 15.08 21.38
CA VAL F 46 3.64 14.01 21.45
C VAL F 46 2.39 13.98 22.32
N ALA F 47 1.62 12.89 22.11
CA ALA F 47 0.50 12.52 22.98
C ALA F 47 1.03 12.11 24.36
N GLU F 48 0.43 12.63 25.42
CA GLU F 48 0.83 12.28 26.79
C GLU F 48 1.32 10.83 26.97
N PRO F 49 0.49 9.84 26.65
CA PRO F 49 0.90 8.43 26.78
C PRO F 49 2.29 8.13 26.23
N ASP F 50 2.64 8.73 25.11
CA ASP F 50 3.90 8.40 24.44
C ASP F 50 5.09 9.14 25.01
N PHE F 51 4.86 10.03 25.97
CA PHE F 51 5.94 10.90 26.48
C PHE F 51 7.13 10.09 27.00
N THR F 52 6.88 9.21 27.96
CA THR F 52 7.94 8.40 28.54
C THR F 52 8.76 7.65 27.48
N ALA F 53 8.07 7.00 26.55
CA ALA F 53 8.72 6.26 25.48
C ALA F 53 9.55 7.18 24.61
N ALA F 54 8.94 8.29 24.21
CA ALA F 54 9.61 9.26 23.36
C ALA F 54 10.89 9.76 24.02
N VAL F 55 10.81 10.09 25.30
CA VAL F 55 12.00 10.54 26.04
C VAL F 55 13.06 9.43 26.05
N TYR F 56 12.62 8.18 26.15
CA TYR F 56 13.54 7.06 26.11
C TYR F 56 14.33 7.03 24.82
N TRP F 57 13.65 7.10 23.68
CA TRP F 57 14.33 7.05 22.39
C TRP F 57 15.24 8.25 22.11
N ILE F 58 14.84 9.43 22.55
CA ILE F 58 15.64 10.64 22.36
C ILE F 58 16.93 10.55 23.15
N LYS F 59 16.86 10.00 24.36
CA LYS F 59 18.05 9.71 25.14
C LYS F 59 18.92 8.67 24.45
N THR F 60 18.27 7.57 24.06
CA THR F 60 18.93 6.46 23.41
C THR F 60 19.66 6.88 22.15
N TYR F 61 19.01 7.64 21.27
CA TYR F 61 19.64 8.08 20.02
C TYR F 61 20.40 9.38 20.18
N GLN F 62 20.43 9.93 21.40
CA GLN F 62 21.17 11.17 21.72
C GLN F 62 20.72 12.38 20.88
N LEU F 63 19.41 12.45 20.61
CA LEU F 63 18.84 13.55 19.86
C LEU F 63 18.59 14.75 20.77
N PRO F 64 18.57 15.96 20.21
CA PRO F 64 18.84 16.31 18.82
C PRO F 64 20.35 16.39 18.51
N PRO F 65 20.73 16.24 17.23
CA PRO F 65 22.17 16.37 16.94
C PRO F 65 22.65 17.82 17.14
N LYS G 5 -2.84 12.13 6.51
CA LYS G 5 -1.98 11.13 5.88
C LYS G 5 -0.66 11.74 5.40
N ASP G 6 -0.67 13.03 5.00
CA ASP G 6 0.50 13.70 4.42
C ASP G 6 1.20 14.61 5.42
N LYS G 7 2.44 14.27 5.78
CA LYS G 7 3.21 15.02 6.76
C LYS G 7 4.13 16.02 6.09
N ASP G 8 4.50 17.04 6.86
CA ASP G 8 5.16 18.25 6.37
C ASP G 8 6.70 18.15 6.52
N LEU G 9 7.39 17.87 5.43
CA LEU G 9 8.82 17.49 5.45
C LEU G 9 9.79 18.66 5.57
N LEU G 10 9.67 19.61 4.64
CA LEU G 10 10.47 20.83 4.65
C LEU G 10 9.57 22.00 4.33
N LYS G 11 10.02 23.20 4.67
CA LYS G 11 9.28 24.41 4.31
C LYS G 11 10.24 25.58 4.26
N GLY G 12 9.73 26.75 3.85
CA GLY G 12 10.55 27.95 3.69
C GLY G 12 11.54 27.83 2.56
N LEU G 13 11.18 27.08 1.52
CA LEU G 13 12.10 26.78 0.43
C LEU G 13 11.94 27.67 -0.80
N ASP G 14 13.10 27.92 -1.40
CA ASP G 14 13.28 28.42 -2.76
C ASP G 14 12.53 27.52 -3.72
N GLN G 15 12.25 27.99 -4.93
CA GLN G 15 11.59 27.12 -5.92
C GLN G 15 12.53 26.05 -6.43
N GLU G 16 13.79 26.41 -6.59
CA GLU G 16 14.75 25.49 -7.10
C GLU G 16 15.13 24.50 -6.00
N GLN G 17 15.34 24.99 -4.79
CA GLN G 17 15.53 24.10 -3.64
C GLN G 17 14.44 23.04 -3.58
N ALA G 18 13.19 23.48 -3.68
CA ALA G 18 12.06 22.56 -3.65
C ALA G 18 12.21 21.48 -4.70
N ASN G 19 12.45 21.88 -5.94
CA ASN G 19 12.59 20.94 -7.07
C ASN G 19 13.67 19.90 -6.88
N GLU G 20 14.86 20.31 -6.40
CA GLU G 20 15.95 19.35 -6.17
C GLU G 20 15.59 18.34 -5.07
N VAL G 21 14.87 18.77 -4.03
CA VAL G 21 14.41 17.83 -3.03
C VAL G 21 13.48 16.79 -3.67
N ILE G 22 12.56 17.23 -4.52
CA ILE G 22 11.57 16.31 -5.11
C ILE G 22 12.23 15.36 -6.06
N ALA G 23 13.20 15.88 -6.81
CA ALA G 23 14.00 15.08 -7.72
C ALA G 23 14.71 13.95 -6.96
N VAL G 24 15.44 14.31 -5.90
CA VAL G 24 16.21 13.33 -5.13
C VAL G 24 15.28 12.28 -4.49
N LEU G 25 14.13 12.71 -3.99
CA LEU G 25 13.19 11.76 -3.42
C LEU G 25 12.61 10.85 -4.51
N GLN G 26 12.35 11.40 -5.68
CA GLN G 26 11.81 10.63 -6.80
C GLN G 26 12.81 9.56 -7.23
N MET G 27 14.09 9.91 -7.22
CA MET G 27 15.16 8.97 -7.51
C MET G 27 15.24 7.83 -6.50
N HIS G 28 14.58 7.94 -5.36
CA HIS G 28 14.57 6.84 -4.41
C HIS G 28 13.15 6.41 -4.11
N ASN G 29 12.30 6.50 -5.12
CA ASN G 29 10.94 5.96 -5.07
C ASN G 29 10.04 6.52 -3.99
N ILE G 30 10.29 7.76 -3.60
CA ILE G 30 9.38 8.48 -2.71
C ILE G 30 8.75 9.63 -3.48
N GLU G 31 7.44 9.64 -3.54
CA GLU G 31 6.75 10.69 -4.26
C GLU G 31 6.47 11.81 -3.28
N ALA G 32 6.88 13.03 -3.63
CA ALA G 32 6.64 14.20 -2.79
C ALA G 32 5.82 15.25 -3.48
N ASN G 33 5.16 16.08 -2.69
CA ASN G 33 4.40 17.21 -3.22
C ASN G 33 5.09 18.50 -2.85
N LYS G 34 5.11 19.41 -3.81
CA LYS G 34 5.64 20.73 -3.60
C LYS G 34 4.46 21.67 -3.45
N ILE G 35 4.49 22.51 -2.44
CA ILE G 35 3.34 23.34 -2.08
C ILE G 35 3.71 24.82 -1.94
N ASP G 36 3.16 25.65 -2.83
CA ASP G 36 3.47 27.08 -2.84
C ASP G 36 2.70 27.78 -1.75
N SER G 37 3.41 28.34 -0.79
CA SER G 37 2.78 29.09 0.29
C SER G 37 3.14 30.56 0.15
N GLY G 38 3.29 31.01 -1.09
CA GLY G 38 3.49 32.41 -1.43
C GLY G 38 4.76 33.00 -0.82
N LYS G 39 4.58 33.99 0.04
CA LYS G 39 5.69 34.74 0.67
C LYS G 39 6.43 33.84 1.66
N LEU G 40 5.87 32.69 2.02
CA LEU G 40 6.52 31.78 2.96
C LEU G 40 7.32 30.70 2.23
N GLY G 41 7.36 30.78 0.91
CA GLY G 41 8.11 29.83 0.09
C GLY G 41 7.40 28.50 -0.08
N TYR G 42 8.10 27.53 -0.64
CA TYR G 42 7.54 26.21 -0.89
C TYR G 42 7.80 25.31 0.29
N SER G 43 6.89 24.36 0.50
CA SER G 43 7.08 23.28 1.45
C SER G 43 6.98 21.96 0.70
N ILE G 44 7.55 20.93 1.30
CA ILE G 44 7.54 19.60 0.75
C ILE G 44 6.72 18.73 1.69
N THR G 45 5.80 17.93 1.13
CA THR G 45 4.98 16.99 1.92
C THR G 45 5.54 15.66 1.37
N VAL G 46 5.73 14.65 2.21
CA VAL G 46 5.24 13.31 1.97
C VAL G 46 4.14 12.60 2.75
N ALA G 47 3.83 11.39 2.27
CA ALA G 47 2.98 10.44 2.97
C ALA G 47 3.68 9.96 4.24
N GLU G 48 2.98 9.96 5.38
CA GLU G 48 3.54 9.47 6.64
C GLU G 48 4.55 8.32 6.50
N PRO G 49 4.13 7.19 5.91
CA PRO G 49 5.04 6.05 5.76
C PRO G 49 6.41 6.42 5.22
N ASP G 50 6.46 7.34 4.28
CA ASP G 50 7.72 7.67 3.61
C ASP G 50 8.58 8.66 4.40
N PHE G 51 8.08 9.15 5.53
CA PHE G 51 8.76 10.21 6.27
C PHE G 51 10.19 9.82 6.63
N THR G 52 10.33 8.72 7.36
CA THR G 52 11.66 8.26 7.78
C THR G 52 12.64 8.14 6.63
N ALA G 53 12.21 7.51 5.55
CA ALA G 53 13.04 7.32 4.35
C ALA G 53 13.41 8.66 3.74
N ALA G 54 12.41 9.52 3.55
CA ALA G 54 12.63 10.85 2.99
C ALA G 54 13.66 11.62 3.82
N VAL G 55 13.52 11.61 5.14
CA VAL G 55 14.50 12.29 6.00
C VAL G 55 15.89 11.70 5.80
N TYR G 56 15.96 10.39 5.59
CA TYR G 56 17.23 9.73 5.35
C TYR G 56 17.92 10.30 4.13
N TRP G 57 17.20 10.38 3.02
CA TRP G 57 17.79 10.86 1.77
C TRP G 57 18.16 12.35 1.80
N ILE G 58 17.36 13.15 2.49
CA ILE G 58 17.64 14.58 2.62
C ILE G 58 18.92 14.79 3.42
N LYS G 59 19.12 14.00 4.46
CA LYS G 59 20.37 14.02 5.23
C LYS G 59 21.52 13.57 4.35
N THR G 60 21.31 12.44 3.69
CA THR G 60 22.32 11.82 2.84
C THR G 60 22.78 12.76 1.74
N TYR G 61 21.86 13.39 1.03
CA TYR G 61 22.21 14.32 -0.05
C TYR G 61 22.44 15.75 0.44
N GLN G 62 22.32 15.97 1.75
CA GLN G 62 22.54 17.28 2.37
C GLN G 62 21.64 18.39 1.81
N LEU G 63 20.40 18.02 1.51
CA LEU G 63 19.42 18.97 1.00
C LEU G 63 18.78 19.74 2.17
N PRO G 64 18.29 20.95 1.90
CA PRO G 64 18.33 21.68 0.63
C PRO G 64 19.69 22.40 0.41
N PRO G 65 20.03 22.73 -0.84
CA PRO G 65 21.35 23.38 -1.04
C PRO G 65 21.42 24.81 -0.47
N LYS H 5 30.47 -56.54 7.66
CA LYS H 5 29.79 -55.80 8.77
C LYS H 5 29.93 -54.27 8.67
N ASP H 6 31.17 -53.79 8.73
CA ASP H 6 31.49 -52.35 8.61
C ASP H 6 32.02 -52.04 7.21
N LYS H 7 31.25 -51.27 6.46
CA LYS H 7 31.62 -50.93 5.08
C LYS H 7 32.33 -49.57 5.01
N ASP H 8 33.10 -49.41 3.94
CA ASP H 8 34.09 -48.36 3.80
C ASP H 8 33.51 -47.18 3.02
N LEU H 9 33.14 -46.12 3.74
CA LEU H 9 32.33 -45.03 3.16
C LEU H 9 33.15 -44.03 2.36
N LEU H 10 34.18 -43.46 2.97
CA LEU H 10 35.08 -42.53 2.32
C LEU H 10 36.49 -42.86 2.71
N LYS H 11 37.46 -42.38 1.94
CA LYS H 11 38.88 -42.54 2.30
C LYS H 11 39.71 -41.45 1.65
N GLY H 12 41.00 -41.42 1.97
CA GLY H 12 41.88 -40.37 1.47
C GLY H 12 41.57 -39.00 2.03
N LEU H 13 41.07 -38.95 3.26
CA LEU H 13 40.60 -37.69 3.84
C LEU H 13 41.61 -37.01 4.76
N ASP H 14 41.56 -35.69 4.68
CA ASP H 14 42.09 -34.75 5.65
C ASP H 14 41.56 -35.10 7.04
N GLN H 15 42.19 -34.60 8.10
CA GLN H 15 41.67 -34.85 9.45
C GLN H 15 40.43 -34.04 9.72
N GLU H 16 40.39 -32.82 9.21
CA GLU H 16 39.22 -31.97 9.41
C GLU H 16 38.09 -32.46 8.54
N GLN H 17 38.38 -32.78 7.29
CA GLN H 17 37.37 -33.40 6.43
C GLN H 17 36.70 -34.58 7.10
N ALA H 18 37.52 -35.48 7.66
CA ALA H 18 37.01 -36.64 8.36
C ALA H 18 36.05 -36.24 9.45
N ASN H 19 36.49 -35.33 10.32
CA ASN H 19 35.65 -34.86 11.45
C ASN H 19 34.30 -34.29 11.06
N GLU H 20 34.28 -33.46 10.02
CA GLU H 20 33.03 -32.90 9.54
C GLU H 20 32.06 -33.96 9.02
N VAL H 21 32.58 -34.97 8.33
CA VAL H 21 31.74 -36.08 7.88
C VAL H 21 31.13 -36.80 9.09
N ILE H 22 31.92 -37.06 10.12
CA ILE H 22 31.41 -37.75 11.31
C ILE H 22 30.40 -36.93 12.06
N ALA H 23 30.66 -35.63 12.15
CA ALA H 23 29.74 -34.68 12.76
C ALA H 23 28.38 -34.70 12.07
N VAL H 24 28.37 -34.55 10.76
CA VAL H 24 27.12 -34.52 9.99
C VAL H 24 26.37 -35.86 10.07
N LEU H 25 27.09 -36.97 10.06
CA LEU H 25 26.43 -38.26 10.23
C LEU H 25 25.86 -38.42 11.64
N GLN H 26 26.59 -37.92 12.64
CA GLN H 26 26.13 -37.98 14.05
C GLN H 26 24.86 -37.17 14.24
N MET H 27 24.78 -36.02 13.56
CA MET H 27 23.58 -35.20 13.55
C MET H 27 22.38 -35.89 12.91
N HIS H 28 22.58 -36.99 12.19
CA HIS H 28 21.45 -37.72 11.64
C HIS H 28 21.46 -39.16 12.12
N ASN H 29 21.89 -39.35 13.36
CA ASN H 29 21.82 -40.64 14.06
C ASN H 29 22.54 -41.80 13.39
N ILE H 30 23.59 -41.51 12.64
CA ILE H 30 24.47 -42.54 12.10
C ILE H 30 25.82 -42.43 12.80
N GLU H 31 26.26 -43.52 13.43
CA GLU H 31 27.57 -43.51 14.10
C GLU H 31 28.58 -43.98 13.08
N ALA H 32 29.65 -43.19 12.94
CA ALA H 32 30.73 -43.53 12.03
C ALA H 32 32.06 -43.65 12.76
N ASN H 33 32.96 -44.42 12.17
CA ASN H 33 34.30 -44.51 12.69
C ASN H 33 35.27 -43.80 11.76
N LYS H 34 36.21 -43.09 12.35
CA LYS H 34 37.28 -42.45 11.63
C LYS H 34 38.52 -43.30 11.82
N ILE H 35 39.22 -43.59 10.73
CA ILE H 35 40.33 -44.55 10.77
C ILE H 35 41.58 -43.95 10.15
N ASP H 36 42.63 -43.78 10.96
CA ASP H 36 43.88 -43.20 10.49
C ASP H 36 44.68 -44.24 9.74
N SER H 37 44.91 -43.99 8.45
CA SER H 37 45.72 -44.87 7.64
C SER H 37 47.01 -44.17 7.25
N GLY H 38 47.50 -43.34 8.15
CA GLY H 38 48.80 -42.70 8.03
C GLY H 38 48.91 -41.82 6.81
N LYS H 39 49.83 -42.17 5.92
CA LYS H 39 50.09 -41.40 4.71
C LYS H 39 48.95 -41.46 3.71
N LEU H 40 47.99 -42.37 3.91
CA LEU H 40 46.84 -42.49 3.02
C LEU H 40 45.64 -41.69 3.54
N GLY H 41 45.83 -40.97 4.64
CA GLY H 41 44.77 -40.15 5.22
C GLY H 41 43.77 -40.96 6.02
N TYR H 42 42.68 -40.31 6.41
CA TYR H 42 41.61 -40.97 7.17
C TYR H 42 40.55 -41.55 6.24
N SER H 43 39.94 -42.63 6.69
CA SER H 43 38.77 -43.19 6.04
C SER H 43 37.61 -43.20 7.03
N ILE H 44 36.39 -43.25 6.50
CA ILE H 44 35.20 -43.28 7.30
C ILE H 44 34.49 -44.60 7.04
N THR H 45 34.05 -45.23 8.11
CA THR H 45 33.43 -46.54 8.05
C THR H 45 32.05 -46.12 8.58
N VAL H 46 30.95 -46.62 8.01
CA VAL H 46 29.86 -47.24 8.74
C VAL H 46 29.46 -48.71 8.72
N ALA H 47 28.47 -49.02 9.57
CA ALA H 47 27.77 -50.30 9.57
C ALA H 47 26.97 -50.45 8.28
N GLU H 48 27.08 -51.60 7.62
CA GLU H 48 26.33 -51.82 6.37
C GLU H 48 24.91 -51.22 6.30
N PRO H 49 24.03 -51.55 7.27
CA PRO H 49 22.69 -50.95 7.29
C PRO H 49 22.68 -49.45 7.05
N ASP H 50 23.63 -48.73 7.64
CA ASP H 50 23.61 -47.26 7.58
C ASP H 50 24.20 -46.70 6.29
N PHE H 51 24.71 -47.57 5.41
CA PHE H 51 25.41 -47.11 4.22
C PHE H 51 24.55 -46.18 3.38
N THR H 52 23.39 -46.67 2.95
CA THR H 52 22.52 -45.88 2.09
C THR H 52 22.22 -44.50 2.67
N ALA H 53 21.88 -44.49 3.95
CA ALA H 53 21.54 -43.24 4.64
C ALA H 53 22.75 -42.32 4.68
N ALA H 54 23.89 -42.87 5.07
CA ALA H 54 25.12 -42.10 5.15
C ALA H 54 25.45 -41.47 3.81
N VAL H 55 25.36 -42.24 2.74
CA VAL H 55 25.61 -41.70 1.40
C VAL H 55 24.63 -40.57 1.10
N TYR H 56 23.38 -40.71 1.54
CA TYR H 56 22.39 -39.67 1.33
C TYR H 56 22.84 -38.36 1.96
N TRP H 57 23.27 -38.40 3.21
CA TRP H 57 23.65 -37.17 3.91
C TRP H 57 24.93 -36.53 3.39
N ILE H 58 25.87 -37.35 2.97
CA ILE H 58 27.10 -36.85 2.37
C ILE H 58 26.81 -36.12 1.06
N LYS H 59 25.88 -36.66 0.27
CA LYS H 59 25.45 -36.00 -0.96
C LYS H 59 24.76 -34.71 -0.62
N THR H 60 23.82 -34.82 0.31
CA THR H 60 23.03 -33.69 0.75
C THR H 60 23.87 -32.53 1.27
N TYR H 61 24.83 -32.81 2.15
CA TYR H 61 25.70 -31.76 2.72
C TYR H 61 26.93 -31.50 1.85
N GLN H 62 27.04 -32.21 0.71
CA GLN H 62 28.15 -32.04 -0.25
C GLN H 62 29.54 -32.26 0.35
N LEU H 63 29.61 -33.24 1.25
CA LEU H 63 30.87 -33.59 1.91
C LEU H 63 31.68 -34.52 1.01
N PRO H 64 33.02 -34.54 1.16
CA PRO H 64 33.81 -33.71 2.07
C PRO H 64 34.05 -32.31 1.51
N PRO H 65 34.27 -31.32 2.38
CA PRO H 65 34.65 -29.95 1.95
C PRO H 65 36.16 -30.01 1.50
N ARG H 66 36.91 -29.02 0.98
CA ARG H 66 38.41 -29.32 1.06
C ARG H 66 39.41 -28.24 1.43
N PRO H 67 40.01 -28.32 2.66
CA PRO H 67 40.68 -27.13 3.22
C PRO H 67 42.18 -27.07 2.97
N ARG H 68 42.85 -26.11 3.60
CA ARG H 68 44.28 -25.98 3.54
C ARG H 68 44.87 -26.20 4.91
N LYS I 5 15.57 -4.21 34.64
CA LYS I 5 14.97 -3.00 35.25
C LYS I 5 13.75 -3.40 36.13
N ASP I 6 13.06 -4.51 35.81
CA ASP I 6 11.80 -4.90 36.49
C ASP I 6 12.00 -6.09 37.45
N LYS I 7 11.80 -5.85 38.74
CA LYS I 7 11.99 -6.88 39.76
C LYS I 7 10.67 -7.53 40.15
N ASP I 8 10.80 -8.73 40.69
CA ASP I 8 9.70 -9.68 40.83
C ASP I 8 9.15 -9.58 42.26
N LEU I 9 8.02 -8.90 42.43
CA LEU I 9 7.50 -8.52 43.75
C LEU I 9 6.76 -9.65 44.46
N LEU I 10 5.75 -10.21 43.80
CA LEU I 10 4.96 -11.32 44.35
C LEU I 10 4.72 -12.30 43.25
N LYS I 11 4.36 -13.52 43.62
CA LYS I 11 4.05 -14.54 42.66
C LYS I 11 3.11 -15.57 43.26
N GLY I 12 2.66 -16.53 42.44
CA GLY I 12 1.77 -17.57 42.91
C GLY I 12 0.42 -17.05 43.30
N LEU I 13 0.00 -15.98 42.64
CA LEU I 13 -1.23 -15.29 43.01
C LEU I 13 -2.45 -15.70 42.20
N ASP I 14 -3.56 -15.69 42.92
CA ASP I 14 -4.92 -15.66 42.40
C ASP I 14 -5.08 -14.47 41.44
N GLN I 15 -6.10 -14.48 40.60
CA GLN I 15 -6.31 -13.33 39.70
C GLN I 15 -6.83 -12.13 40.48
N GLU I 16 -7.67 -12.38 41.48
CA GLU I 16 -8.22 -11.28 42.26
C GLU I 16 -7.13 -10.76 43.15
N GLN I 17 -6.40 -11.65 43.81
CA GLN I 17 -5.27 -11.23 44.63
C GLN I 17 -4.36 -10.29 43.86
N ALA I 18 -4.02 -10.69 42.64
CA ALA I 18 -3.17 -9.89 41.80
C ALA I 18 -3.75 -8.50 41.63
N ASN I 19 -5.02 -8.43 41.24
CA ASN I 19 -5.69 -7.14 40.98
C ASN I 19 -5.71 -6.19 42.15
N GLU I 20 -5.99 -6.72 43.34
CA GLU I 20 -5.97 -5.90 44.52
C GLU I 20 -4.58 -5.33 44.81
N VAL I 21 -3.53 -6.11 44.61
CA VAL I 21 -2.19 -5.62 44.82
C VAL I 21 -1.92 -4.46 43.87
N ILE I 22 -2.34 -4.59 42.62
CA ILE I 22 -2.07 -3.55 41.62
C ILE I 22 -2.85 -2.30 41.91
N ALA I 23 -4.08 -2.48 42.36
CA ALA I 23 -4.94 -1.37 42.79
C ALA I 23 -4.31 -0.58 43.91
N VAL I 24 -3.91 -1.27 44.97
CA VAL I 24 -3.30 -0.61 46.13
C VAL I 24 -1.98 0.08 45.76
N LEU I 25 -1.17 -0.52 44.91
CA LEU I 25 0.06 0.13 44.45
C LEU I 25 -0.26 1.36 43.59
N GLN I 26 -1.29 1.25 42.74
CA GLN I 26 -1.70 2.37 41.90
C GLN I 26 -2.17 3.55 42.74
N MET I 27 -2.88 3.25 43.81
CA MET I 27 -3.29 4.27 44.76
C MET I 27 -2.13 4.98 45.45
N HIS I 28 -0.93 4.45 45.37
CA HIS I 28 0.23 5.12 45.95
C HIS I 28 1.28 5.37 44.90
N ASN I 29 0.83 5.65 43.69
CA ASN I 29 1.69 6.10 42.61
C ASN I 29 2.81 5.15 42.21
N ILE I 30 2.61 3.86 42.41
CA ILE I 30 3.51 2.83 41.89
C ILE I 30 2.78 2.04 40.81
N GLU I 31 3.35 2.00 39.61
CA GLU I 31 2.77 1.21 38.51
C GLU I 31 3.33 -0.17 38.59
N ALA I 32 2.45 -1.15 38.61
CA ALA I 32 2.87 -2.55 38.61
C ALA I 32 2.34 -3.31 37.41
N ASN I 33 3.03 -4.39 37.06
CA ASN I 33 2.57 -5.26 36.02
C ASN I 33 2.11 -6.57 36.61
N LYS I 34 1.00 -7.07 36.09
CA LYS I 34 0.48 -8.37 36.43
C LYS I 34 0.84 -9.32 35.30
N ILE I 35 1.39 -10.49 35.65
CA ILE I 35 1.95 -11.40 34.65
C ILE I 35 1.38 -12.80 34.83
N ASP I 36 0.64 -13.29 33.84
CA ASP I 36 0.04 -14.59 33.90
C ASP I 36 1.09 -15.65 33.59
N SER I 37 1.36 -16.51 34.57
CA SER I 37 2.27 -17.61 34.38
C SER I 37 1.51 -18.94 34.42
N GLY I 38 0.28 -18.90 33.92
CA GLY I 38 -0.52 -20.09 33.72
C GLY I 38 -0.79 -20.82 35.01
N LYS I 39 -0.33 -22.06 35.07
CA LYS I 39 -0.57 -22.91 36.23
C LYS I 39 0.17 -22.46 37.47
N LEU I 40 1.11 -21.52 37.32
CA LEU I 40 1.86 -20.99 38.44
C LEU I 40 1.23 -19.71 38.99
N GLY I 41 0.08 -19.31 38.43
CA GLY I 41 -0.64 -18.11 38.87
C GLY I 41 -0.03 -16.84 38.34
N TYR I 42 -0.51 -15.70 38.87
CA TYR I 42 -0.01 -14.40 38.48
C TYR I 42 1.14 -13.97 39.38
N SER I 43 2.05 -13.19 38.80
CA SER I 43 3.11 -12.53 39.56
C SER I 43 2.98 -11.04 39.33
N ILE I 44 3.56 -10.27 40.25
CA ILE I 44 3.53 -8.84 40.21
C ILE I 44 4.96 -8.35 40.09
N THR I 45 5.19 -7.41 39.18
CA THR I 45 6.51 -6.90 38.86
C THR I 45 6.29 -5.46 39.27
N VAL I 46 7.24 -4.83 39.94
CA VAL I 46 7.71 -3.50 39.61
C VAL I 46 9.10 -3.16 39.10
N ALA I 47 9.25 -1.87 38.79
CA ALA I 47 10.55 -1.26 38.51
C ALA I 47 11.41 -1.25 39.77
N GLU I 48 12.66 -1.69 39.66
CA GLU I 48 13.59 -1.68 40.80
C GLU I 48 13.41 -0.52 41.80
N PRO I 49 13.56 0.74 41.34
CA PRO I 49 13.35 1.89 42.22
C PRO I 49 12.12 1.79 43.13
N ASP I 50 11.01 1.29 42.60
CA ASP I 50 9.76 1.26 43.36
C ASP I 50 9.66 0.07 44.32
N PHE I 51 10.66 -0.82 44.33
CA PHE I 51 10.57 -2.04 45.12
C PHE I 51 10.34 -1.76 46.60
N THR I 52 11.22 -0.97 47.19
CA THR I 52 11.11 -0.66 48.62
C THR I 52 9.73 -0.11 48.99
N ALA I 53 9.26 0.84 48.19
CA ALA I 53 7.94 1.47 48.41
C ALA I 53 6.81 0.46 48.28
N ALA I 54 6.84 -0.29 47.20
CA ALA I 54 5.85 -1.32 46.96
C ALA I 54 5.79 -2.31 48.13
N VAL I 55 6.94 -2.79 48.60
CA VAL I 55 6.97 -3.70 49.74
C VAL I 55 6.34 -3.02 50.95
N TYR I 56 6.60 -1.73 51.13
CA TYR I 56 6.01 -0.98 52.24
C TYR I 56 4.49 -1.05 52.21
N TRP I 57 3.88 -0.76 51.07
CA TRP I 57 2.42 -0.75 50.95
C TRP I 57 1.78 -2.13 51.06
N ILE I 58 2.45 -3.14 50.55
CA ILE I 58 1.97 -4.52 50.68
C ILE I 58 1.97 -4.96 52.14
N LYS I 59 2.99 -4.58 52.90
CA LYS I 59 3.03 -4.83 54.33
C LYS I 59 1.92 -4.07 55.02
N THR I 60 1.83 -2.78 54.71
CA THR I 60 0.87 -1.88 55.29
C THR I 60 -0.56 -2.33 55.07
N TYR I 61 -0.92 -2.70 53.85
CA TYR I 61 -2.28 -3.19 53.54
C TYR I 61 -2.45 -4.69 53.76
N GLN I 62 -1.40 -5.36 54.19
CA GLN I 62 -1.42 -6.81 54.49
C GLN I 62 -1.82 -7.68 53.28
N LEU I 63 -1.37 -7.27 52.11
CA LEU I 63 -1.64 -8.00 50.88
C LEU I 63 -0.63 -9.14 50.74
N PRO I 64 -1.01 -10.21 50.01
CA PRO I 64 -2.30 -10.42 49.38
C PRO I 64 -3.35 -10.91 50.38
N PRO I 65 -4.63 -10.61 50.10
CA PRO I 65 -5.71 -11.18 50.89
C PRO I 65 -5.85 -12.67 50.57
N ARG I 66 -6.68 -13.41 51.29
CA ARG I 66 -6.90 -14.88 51.05
C ARG I 66 -5.62 -15.71 50.94
N LYS J 5 -5.20 6.20 -8.56
CA LYS J 5 -6.53 5.73 -8.17
C LYS J 5 -7.38 6.94 -7.71
N ASP J 6 -6.77 8.07 -7.30
CA ASP J 6 -7.51 9.26 -6.82
C ASP J 6 -7.55 10.40 -7.84
N LYS J 7 -8.74 10.72 -8.34
CA LYS J 7 -8.92 11.74 -9.35
C LYS J 7 -9.30 13.07 -8.73
N ASP J 8 -9.03 14.12 -9.49
CA ASP J 8 -9.03 15.49 -9.00
C ASP J 8 -10.37 16.16 -9.33
N LEU J 9 -11.24 16.29 -8.34
CA LEU J 9 -12.63 16.69 -8.55
C LEU J 9 -12.82 18.20 -8.72
N LEU J 10 -12.37 18.97 -7.74
CA LEU J 10 -12.45 20.43 -7.75
C LEU J 10 -11.14 20.99 -7.29
N LYS J 11 -10.87 22.24 -7.60
CA LYS J 11 -9.69 22.93 -7.09
C LYS J 11 -9.92 24.42 -7.07
N GLY J 12 -8.95 25.16 -6.55
CA GLY J 12 -9.06 26.61 -6.40
C GLY J 12 -10.12 27.03 -5.41
N LEU J 13 -10.32 26.20 -4.39
CA LEU J 13 -11.40 26.43 -3.43
C LEU J 13 -10.98 27.14 -2.14
N ASP J 14 -11.91 27.95 -1.67
CA ASP J 14 -11.98 28.49 -0.33
C ASP J 14 -11.92 27.34 0.68
N GLN J 15 -11.61 27.62 1.94
CA GLN J 15 -11.61 26.54 2.94
C GLN J 15 -13.02 26.11 3.26
N GLU J 16 -13.93 27.06 3.27
CA GLU J 16 -15.29 26.75 3.60
C GLU J 16 -15.98 26.07 2.45
N GLN J 17 -15.77 26.59 1.25
CA GLN J 17 -16.22 25.89 0.06
C GLN J 17 -15.80 24.43 0.04
N ALA J 18 -14.52 24.17 0.32
CA ALA J 18 -14.01 22.82 0.38
C ALA J 18 -14.81 21.98 1.35
N ASN J 19 -14.98 22.48 2.57
CA ASN J 19 -15.71 21.74 3.62
C ASN J 19 -17.13 21.36 3.25
N GLU J 20 -17.87 22.29 2.66
CA GLU J 20 -19.22 22.03 2.25
C GLU J 20 -19.29 20.93 1.19
N VAL J 21 -18.35 20.94 0.25
CA VAL J 21 -18.31 19.90 -0.76
C VAL J 21 -18.10 18.55 -0.07
N ILE J 22 -17.20 18.47 0.90
CA ILE J 22 -16.91 17.19 1.57
C ILE J 22 -18.06 16.72 2.39
N ALA J 23 -18.72 17.66 3.05
CA ALA J 23 -19.94 17.37 3.81
C ALA J 23 -21.01 16.75 2.91
N VAL J 24 -21.32 17.41 1.79
CA VAL J 24 -22.38 16.94 0.90
C VAL J 24 -22.03 15.60 0.30
N LEU J 25 -20.77 15.38 -0.03
CA LEU J 25 -20.35 14.05 -0.53
C LEU J 25 -20.44 12.98 0.57
N GLN J 26 -20.08 13.34 1.79
CA GLN J 26 -20.18 12.43 2.93
C GLN J 26 -21.61 12.00 3.17
N MET J 27 -22.54 12.95 3.03
CA MET J 27 -23.98 12.67 3.15
C MET J 27 -24.48 11.73 2.08
N HIS J 28 -23.71 11.47 1.03
CA HIS J 28 -24.13 10.51 0.04
C HIS J 28 -23.09 9.42 -0.14
N ASN J 29 -22.47 9.06 0.97
CA ASN J 29 -21.55 7.93 1.03
C ASN J 29 -20.36 7.95 0.09
N ILE J 30 -19.89 9.13 -0.24
CA ILE J 30 -18.63 9.31 -0.96
C ILE J 30 -17.63 9.96 -0.01
N GLU J 31 -16.50 9.30 0.24
CA GLU J 31 -15.44 9.93 1.05
C GLU J 31 -14.51 10.71 0.13
N ALA J 32 -14.32 11.98 0.47
CA ALA J 32 -13.45 12.86 -0.29
C ALA J 32 -12.29 13.36 0.55
N ASN J 33 -11.20 13.73 -0.12
CA ASN J 33 -10.07 14.32 0.54
C ASN J 33 -9.97 15.77 0.16
N LYS J 34 -9.67 16.59 1.17
CA LYS J 34 -9.43 18.00 0.99
C LYS J 34 -7.93 18.21 1.05
N ILE J 35 -7.39 18.94 0.08
CA ILE J 35 -5.95 19.05 -0.08
C ILE J 35 -5.54 20.53 -0.16
N ASP J 36 -4.75 20.98 0.82
CA ASP J 36 -4.30 22.36 0.87
C ASP J 36 -3.15 22.54 -0.09
N SER J 37 -3.35 23.37 -1.10
CA SER J 37 -2.30 23.70 -2.04
C SER J 37 -1.87 25.15 -1.88
N GLY J 38 -1.93 25.62 -0.63
CA GLY J 38 -1.42 26.92 -0.27
C GLY J 38 -2.11 28.04 -1.00
N LYS J 39 -1.34 28.79 -1.79
CA LYS J 39 -1.86 29.96 -2.48
C LYS J 39 -2.80 29.59 -3.61
N LEU J 40 -2.86 28.32 -3.96
CA LEU J 40 -3.76 27.84 -5.01
C LEU J 40 -5.09 27.34 -4.42
N GLY J 41 -5.26 27.46 -3.11
CA GLY J 41 -6.49 27.05 -2.44
C GLY J 41 -6.56 25.55 -2.22
N TYR J 42 -7.74 25.08 -1.82
CA TYR J 42 -7.97 23.65 -1.60
C TYR J 42 -8.51 22.98 -2.84
N SER J 43 -8.17 21.71 -3.01
CA SER J 43 -8.74 20.87 -4.05
C SER J 43 -9.43 19.68 -3.37
N ILE J 44 -10.35 19.07 -4.10
CA ILE J 44 -11.09 17.93 -3.61
C ILE J 44 -10.78 16.74 -4.51
N THR J 45 -10.51 15.60 -3.89
CA THR J 45 -10.08 14.42 -4.58
C THR J 45 -11.26 13.54 -4.20
N VAL J 46 -11.81 12.75 -5.12
CA VAL J 46 -12.08 11.33 -4.91
C VAL J 46 -11.40 10.16 -5.60
N ALA J 47 -11.79 8.96 -5.15
CA ALA J 47 -11.44 7.70 -5.80
C ALA J 47 -12.12 7.63 -7.16
N GLU J 48 -11.38 7.25 -8.19
CA GLU J 48 -11.97 7.16 -9.54
C GLU J 48 -13.41 6.61 -9.62
N PRO J 49 -13.67 5.40 -9.08
CA PRO J 49 -15.05 4.90 -9.05
C PRO J 49 -16.11 5.92 -8.63
N ASP J 50 -15.82 6.75 -7.62
CA ASP J 50 -16.81 7.67 -7.09
C ASP J 50 -16.96 8.95 -7.91
N PHE J 51 -16.16 9.11 -8.96
CA PHE J 51 -16.13 10.37 -9.70
C PHE J 51 -17.52 10.73 -10.24
N THR J 52 -18.10 9.83 -11.02
CA THR J 52 -19.41 10.09 -11.63
C THR J 52 -20.45 10.52 -10.60
N ALA J 53 -20.49 9.77 -9.51
CA ALA J 53 -21.45 10.06 -8.44
C ALA J 53 -21.19 11.41 -7.81
N ALA J 54 -19.93 11.65 -7.47
CA ALA J 54 -19.52 12.90 -6.87
C ALA J 54 -19.91 14.08 -7.75
N VAL J 55 -19.64 13.98 -9.04
CA VAL J 55 -20.04 15.04 -9.97
C VAL J 55 -21.55 15.24 -9.95
N TYR J 56 -22.29 14.14 -9.84
CA TYR J 56 -23.74 14.22 -9.79
C TYR J 56 -24.19 15.09 -8.64
N TRP J 57 -23.66 14.81 -7.45
CA TRP J 57 -24.10 15.54 -6.25
C TRP J 57 -23.67 17.00 -6.24
N ILE J 58 -22.50 17.28 -6.78
CA ILE J 58 -22.01 18.65 -6.88
C ILE J 58 -22.90 19.47 -7.81
N LYS J 59 -23.33 18.86 -8.91
CA LYS J 59 -24.30 19.50 -9.81
C LYS J 59 -25.62 19.70 -9.09
N THR J 60 -26.08 18.62 -8.47
CA THR J 60 -27.35 18.61 -7.77
C THR J 60 -27.44 19.66 -6.68
N TYR J 61 -26.41 19.76 -5.84
CA TYR J 61 -26.38 20.75 -4.75
C TYR J 61 -25.80 22.10 -5.20
N GLN J 62 -25.42 22.20 -6.47
CA GLN J 62 -24.87 23.44 -7.05
C GLN J 62 -23.62 23.97 -6.33
N LEU J 63 -22.78 23.03 -5.91
CA LEU J 63 -21.52 23.36 -5.24
C LEU J 63 -20.46 23.68 -6.29
N PRO J 64 -19.44 24.47 -5.90
CA PRO J 64 -19.29 25.15 -4.63
C PRO J 64 -20.16 26.40 -4.52
N PRO J 65 -20.55 26.75 -3.29
CA PRO J 65 -21.21 28.03 -3.05
C PRO J 65 -20.21 29.16 -3.28
N ARG J 66 -20.68 30.39 -3.50
CA ARG J 66 -19.78 31.55 -3.63
C ARG J 66 -19.03 31.75 -2.31
N PRO J 67 -17.86 32.45 -2.37
CA PRO J 67 -17.08 32.82 -1.18
C PRO J 67 -17.31 34.27 -0.75
N ARG J 68 -16.49 34.76 0.18
CA ARG J 68 -16.53 36.17 0.55
C ARG J 68 -15.17 36.73 0.95
N LYS K 5 -1.40 9.52 -29.82
CA LYS K 5 -1.97 8.58 -28.80
C LYS K 5 -3.24 9.10 -28.10
N ASP K 6 -3.10 10.23 -27.41
CA ASP K 6 -4.23 10.89 -26.72
C ASP K 6 -4.71 12.08 -27.53
N LYS K 7 -5.93 11.99 -28.03
CA LYS K 7 -6.51 13.05 -28.85
C LYS K 7 -7.37 14.00 -28.02
N ASP K 8 -7.53 15.20 -28.57
CA ASP K 8 -8.05 16.34 -27.86
C ASP K 8 -9.54 16.50 -28.12
N LEU K 9 -10.36 16.11 -27.15
CA LEU K 9 -11.81 15.98 -27.35
C LEU K 9 -12.56 17.31 -27.25
N LEU K 10 -12.40 18.00 -26.13
CA LEU K 10 -13.04 19.29 -25.91
C LEU K 10 -12.03 20.22 -25.30
N LYS K 11 -12.29 21.51 -25.36
CA LYS K 11 -11.45 22.50 -24.67
C LYS K 11 -12.24 23.76 -24.39
N GLY K 12 -11.62 24.71 -23.70
CA GLY K 12 -12.27 25.94 -23.31
C GLY K 12 -13.38 25.74 -22.30
N LEU K 13 -13.22 24.74 -21.44
CA LEU K 13 -14.28 24.36 -20.51
C LEU K 13 -14.13 24.92 -19.11
N ASP K 14 -15.28 25.22 -18.55
CA ASP K 14 -15.53 25.43 -17.13
C ASP K 14 -15.01 24.23 -16.35
N GLN K 15 -14.82 24.36 -15.04
CA GLN K 15 -14.39 23.21 -14.25
C GLN K 15 -15.50 22.21 -14.06
N GLU K 16 -16.72 22.72 -13.90
CA GLU K 16 -17.85 21.87 -13.68
C GLU K 16 -18.23 21.21 -15.00
N GLN K 17 -18.23 21.98 -16.08
CA GLN K 17 -18.43 21.40 -17.41
C GLN K 17 -17.48 20.23 -17.64
N ALA K 18 -16.21 20.43 -17.36
CA ALA K 18 -15.21 19.38 -17.53
C ALA K 18 -15.60 18.13 -16.77
N ASN K 19 -15.91 18.30 -15.49
CA ASN K 19 -16.28 17.17 -14.62
C ASN K 19 -17.44 16.36 -15.14
N GLU K 20 -18.49 17.03 -15.59
CA GLU K 20 -19.66 16.35 -16.10
C GLU K 20 -19.34 15.52 -17.33
N VAL K 21 -18.49 16.06 -18.21
CA VAL K 21 -18.08 15.30 -19.38
C VAL K 21 -17.34 14.04 -18.96
N ILE K 22 -16.46 14.14 -17.98
CA ILE K 22 -15.68 12.97 -17.53
C ILE K 22 -16.57 11.95 -16.85
N ALA K 23 -17.52 12.43 -16.07
CA ALA K 23 -18.51 11.57 -15.43
C ALA K 23 -19.29 10.76 -16.46
N VAL K 24 -19.85 11.43 -17.44
CA VAL K 24 -20.66 10.76 -18.47
C VAL K 24 -19.83 9.79 -19.28
N LEU K 25 -18.59 10.13 -19.59
CA LEU K 25 -17.70 9.19 -20.29
C LEU K 25 -17.33 7.98 -19.42
N GLN K 26 -17.11 8.23 -18.13
CA GLN K 26 -16.83 7.15 -17.18
C GLN K 26 -17.98 6.17 -17.08
N MET K 27 -19.20 6.70 -17.08
CA MET K 27 -20.41 5.88 -17.09
C MET K 27 -20.54 5.01 -18.32
N HIS K 28 -19.76 5.26 -19.37
CA HIS K 28 -19.82 4.43 -20.55
C HIS K 28 -18.44 3.87 -20.85
N ASN K 29 -17.69 3.60 -19.79
CA ASN K 29 -16.40 2.89 -19.88
C ASN K 29 -15.33 3.54 -20.74
N ILE K 30 -15.38 4.86 -20.85
CA ILE K 30 -14.33 5.62 -21.50
C ILE K 30 -13.62 6.43 -20.41
N GLU K 31 -12.32 6.24 -20.28
CA GLU K 31 -11.53 6.96 -19.28
C GLU K 31 -10.99 8.22 -19.96
N ALA K 32 -11.30 9.39 -19.39
CA ALA K 32 -10.85 10.67 -19.94
C ALA K 32 -9.94 11.41 -18.98
N ASN K 33 -9.11 12.29 -19.52
CA ASN K 33 -8.30 13.15 -18.71
C ASN K 33 -8.78 14.58 -18.81
N LYS K 34 -8.79 15.25 -17.67
CA LYS K 34 -9.12 16.65 -17.58
C LYS K 34 -7.81 17.41 -17.42
N ILE K 35 -7.62 18.46 -18.22
CA ILE K 35 -6.33 19.14 -18.29
C ILE K 35 -6.50 20.64 -18.10
N ASP K 36 -5.93 21.17 -17.01
CA ASP K 36 -6.06 22.58 -16.68
C ASP K 36 -5.09 23.36 -17.54
N SER K 37 -5.63 24.24 -18.39
CA SER K 37 -4.81 25.11 -19.19
C SER K 37 -5.00 26.56 -18.73
N GLY K 38 -5.21 26.72 -17.43
CA GLY K 38 -5.25 28.03 -16.80
C GLY K 38 -6.33 28.91 -17.33
N LYS K 39 -5.94 30.03 -17.93
CA LYS K 39 -6.89 30.99 -18.45
C LYS K 39 -7.65 30.51 -19.66
N LEU K 40 -7.20 29.41 -20.25
CA LEU K 40 -7.87 28.84 -21.43
C LEU K 40 -8.87 27.77 -21.02
N GLY K 41 -9.04 27.57 -19.71
CA GLY K 41 -9.98 26.60 -19.19
C GLY K 41 -9.45 25.17 -19.27
N TYR K 42 -10.35 24.22 -19.01
CA TYR K 42 -10.00 22.81 -19.06
C TYR K 42 -10.27 22.24 -20.44
N SER K 43 -9.47 21.23 -20.79
CA SER K 43 -9.71 20.43 -21.99
C SER K 43 -9.85 18.98 -21.58
N ILE K 44 -10.47 18.20 -22.45
CA ILE K 44 -10.68 16.81 -22.20
C ILE K 44 -9.92 16.05 -23.26
N THR K 45 -9.18 15.01 -22.84
CA THR K 45 -8.43 14.15 -23.79
C THR K 45 -9.20 12.85 -23.59
N VAL K 46 -9.45 12.09 -24.65
CA VAL K 46 -9.17 10.65 -24.71
C VAL K 46 -8.12 9.98 -25.58
N ALA K 47 -8.01 8.67 -25.36
CA ALA K 47 -7.21 7.77 -26.20
C ALA K 47 -7.84 7.68 -27.57
N GLU K 48 -7.04 7.81 -28.62
CA GLU K 48 -7.58 7.75 -29.98
C GLU K 48 -8.71 6.72 -30.22
N PRO K 49 -8.49 5.44 -29.89
CA PRO K 49 -9.56 4.44 -30.02
C PRO K 49 -10.93 4.90 -29.50
N ASP K 50 -10.94 5.58 -28.36
CA ASP K 50 -12.19 5.95 -27.73
C ASP K 50 -12.83 7.21 -28.31
N PHE K 51 -12.18 7.84 -29.27
CA PHE K 51 -12.66 9.12 -29.77
C PHE K 51 -14.09 9.03 -30.29
N THR K 52 -14.31 8.14 -31.25
CA THR K 52 -15.63 8.00 -31.87
C THR K 52 -16.72 7.81 -30.84
N ALA K 53 -16.45 6.91 -29.90
CA ALA K 53 -17.42 6.59 -28.84
C ALA K 53 -17.67 7.80 -27.98
N ALA K 54 -16.58 8.43 -27.54
CA ALA K 54 -16.69 9.62 -26.71
C ALA K 54 -17.52 10.71 -27.38
N VAL K 55 -17.25 10.97 -28.66
CA VAL K 55 -18.05 11.95 -29.39
C VAL K 55 -19.54 11.53 -29.42
N TYR K 56 -19.80 10.24 -29.54
CA TYR K 56 -21.16 9.75 -29.54
C TYR K 56 -21.87 10.15 -28.26
N TRP K 57 -21.26 9.88 -27.11
CA TRP K 57 -21.90 10.15 -25.82
C TRP K 57 -22.07 11.63 -25.53
N ILE K 58 -21.10 12.43 -25.95
CA ILE K 58 -21.19 13.88 -25.79
C ILE K 58 -22.35 14.44 -26.60
N LYS K 59 -22.55 13.93 -27.80
CA LYS K 59 -23.69 14.32 -28.60
C LYS K 59 -24.96 13.87 -27.92
N THR K 60 -24.97 12.60 -27.52
CA THR K 60 -26.13 11.97 -26.91
C THR K 60 -26.58 12.70 -25.65
N TYR K 61 -25.64 13.02 -24.77
CA TYR K 61 -25.97 13.74 -23.53
C TYR K 61 -25.96 15.26 -23.69
N GLN K 62 -25.69 15.73 -24.92
CA GLN K 62 -25.68 17.17 -25.23
C GLN K 62 -24.70 17.99 -24.37
N LEU K 63 -23.54 17.39 -24.11
CA LEU K 63 -22.50 18.04 -23.33
C LEU K 63 -21.66 18.93 -24.25
N PRO K 64 -21.02 19.97 -23.69
CA PRO K 64 -21.10 20.40 -22.29
C PRO K 64 -22.38 21.19 -22.00
N PRO K 65 -22.83 21.14 -20.74
CA PRO K 65 -23.92 21.98 -20.32
C PRO K 65 -23.46 23.41 -20.20
N ARG K 66 -24.40 24.29 -19.86
CA ARG K 66 -24.13 25.74 -19.78
C ARG K 66 -23.33 26.10 -18.51
N PRO K 67 -22.83 27.35 -18.42
CA PRO K 67 -22.05 27.97 -17.31
C PRO K 67 -22.75 29.15 -16.53
N ARG K 68 -22.01 29.84 -15.65
CA ARG K 68 -22.49 31.07 -14.87
C ARG K 68 -23.70 31.81 -15.47
N LYS L 5 0.08 18.62 -49.48
CA LYS L 5 -0.14 17.40 -48.70
C LYS L 5 -1.56 17.30 -48.02
N ASP L 6 -1.86 18.25 -47.12
CA ASP L 6 -3.12 18.28 -46.35
C ASP L 6 -4.11 19.35 -46.87
N LYS L 7 -5.25 18.90 -47.39
CA LYS L 7 -6.24 19.80 -47.97
C LYS L 7 -7.32 20.15 -46.93
N ASP L 8 -7.97 21.28 -47.17
CA ASP L 8 -8.82 21.94 -46.22
C ASP L 8 -10.29 21.56 -46.44
N LEU L 9 -10.82 20.66 -45.62
CA LEU L 9 -12.11 20.03 -45.87
C LEU L 9 -13.30 20.92 -45.48
N LEU L 10 -13.33 21.35 -44.23
CA LEU L 10 -14.39 22.19 -43.71
C LEU L 10 -13.78 23.24 -42.86
N LYS L 11 -14.53 24.30 -42.60
CA LYS L 11 -14.08 25.35 -41.75
C LYS L 11 -15.25 26.09 -41.15
N GLY L 12 -14.98 27.05 -40.25
CA GLY L 12 -16.04 27.83 -39.61
C GLY L 12 -16.90 26.99 -38.68
N LEU L 13 -16.31 25.97 -38.08
CA LEU L 13 -17.06 25.00 -37.29
C LEU L 13 -17.04 25.26 -35.79
N ASP L 14 -18.18 24.94 -35.19
CA ASP L 14 -18.36 24.70 -33.77
C ASP L 14 -17.38 23.65 -33.28
N GLN L 15 -17.14 23.56 -31.98
CA GLN L 15 -16.22 22.53 -31.49
C GLN L 15 -16.85 21.16 -31.57
N GLU L 16 -18.13 21.11 -31.32
CA GLU L 16 -18.83 19.86 -31.33
C GLU L 16 -19.03 19.41 -32.77
N GLN L 17 -19.43 20.33 -33.64
CA GLN L 17 -19.49 20.04 -35.06
C GLN L 17 -18.20 19.43 -35.56
N ALA L 18 -17.09 20.04 -35.21
CA ALA L 18 -15.78 19.52 -35.59
C ALA L 18 -15.62 18.09 -35.15
N ASN L 19 -15.85 17.83 -33.87
CA ASN L 19 -15.69 16.48 -33.30
C ASN L 19 -16.49 15.40 -34.00
N GLU L 20 -17.74 15.69 -34.31
CA GLU L 20 -18.60 14.74 -34.99
C GLU L 20 -18.08 14.41 -36.39
N VAL L 21 -17.58 15.41 -37.10
CA VAL L 21 -17.01 15.18 -38.40
C VAL L 21 -15.81 14.23 -38.28
N ILE L 22 -14.96 14.46 -37.29
CA ILE L 22 -13.76 13.63 -37.13
C ILE L 22 -14.13 12.21 -36.74
N ALA L 23 -15.14 12.09 -35.88
CA ALA L 23 -15.64 10.80 -35.47
C ALA L 23 -16.12 10.00 -36.68
N VAL L 24 -16.98 10.60 -37.49
CA VAL L 24 -17.57 9.92 -38.63
C VAL L 24 -16.49 9.54 -39.63
N LEU L 25 -15.50 10.40 -39.83
CA LEU L 25 -14.40 10.06 -40.74
C LEU L 25 -13.55 8.92 -40.17
N GLN L 26 -13.34 8.95 -38.86
CA GLN L 26 -12.57 7.90 -38.19
C GLN L 26 -13.25 6.55 -38.34
N MET L 27 -14.57 6.54 -38.24
CA MET L 27 -15.37 5.34 -38.45
C MET L 27 -15.27 4.79 -39.86
N HIS L 28 -14.72 5.56 -40.80
CA HIS L 28 -14.54 5.06 -42.15
C HIS L 28 -13.08 5.16 -42.56
N ASN L 29 -12.21 4.97 -41.58
CA ASN L 29 -10.77 4.85 -41.82
C ASN L 29 -10.10 6.03 -42.50
N ILE L 30 -10.65 7.23 -42.29
CA ILE L 30 -10.01 8.47 -42.72
C ILE L 30 -9.61 9.24 -41.48
N GLU L 31 -8.33 9.56 -41.37
CA GLU L 31 -7.84 10.29 -40.23
C GLU L 31 -7.89 11.77 -40.58
N ALA L 32 -8.53 12.55 -39.72
CA ALA L 32 -8.64 13.99 -39.94
C ALA L 32 -8.01 14.78 -38.81
N ASN L 33 -7.62 16.01 -39.11
CA ASN L 33 -7.14 16.92 -38.10
C ASN L 33 -8.13 18.02 -37.87
N LYS L 34 -8.31 18.36 -36.61
CA LYS L 34 -9.14 19.48 -36.20
C LYS L 34 -8.21 20.62 -35.83
N ILE L 35 -8.51 21.81 -36.36
CA ILE L 35 -7.59 22.95 -36.23
C ILE L 35 -8.31 24.16 -35.69
N ASP L 36 -7.89 24.61 -34.50
CA ASP L 36 -8.51 25.77 -33.87
C ASP L 36 -8.00 27.05 -34.49
N SER L 37 -8.91 27.80 -35.11
CA SER L 37 -8.56 29.08 -35.67
C SER L 37 -9.25 30.19 -34.89
N GLY L 38 -9.39 29.98 -33.59
CA GLY L 38 -9.87 31.00 -32.66
C GLY L 38 -11.26 31.49 -32.96
N LYS L 39 -11.38 32.77 -33.25
CA LYS L 39 -12.66 33.37 -33.54
C LYS L 39 -13.25 32.92 -34.86
N LEU L 40 -12.47 32.24 -35.69
CA LEU L 40 -12.96 31.74 -36.98
C LEU L 40 -13.45 30.30 -36.87
N GLY L 41 -13.42 29.75 -35.66
CA GLY L 41 -13.88 28.39 -35.41
C GLY L 41 -12.86 27.33 -35.82
N TYR L 42 -13.29 26.07 -35.81
CA TYR L 42 -12.42 24.96 -36.18
C TYR L 42 -12.55 24.66 -37.65
N SER L 43 -11.47 24.16 -38.23
CA SER L 43 -11.48 23.62 -39.57
C SER L 43 -11.03 22.18 -39.51
N ILE L 44 -11.37 21.42 -40.55
CA ILE L 44 -11.01 20.03 -40.66
C ILE L 44 -10.10 19.87 -41.87
N THR L 45 -8.99 19.15 -41.70
CA THR L 45 -8.03 18.91 -42.81
C THR L 45 -8.24 17.39 -42.94
N VAL L 46 -8.26 16.86 -44.15
CA VAL L 46 -7.45 15.71 -44.54
C VAL L 46 -6.28 15.72 -45.50
N ALA L 47 -5.65 14.54 -45.62
CA ALA L 47 -4.66 14.22 -46.65
C ALA L 47 -5.33 14.22 -48.02
N GLU L 48 -4.74 14.90 -49.00
CA GLU L 48 -5.33 14.94 -50.35
C GLU L 48 -5.98 13.63 -50.85
N PRO L 49 -5.25 12.49 -50.83
CA PRO L 49 -5.88 11.21 -51.22
C PRO L 49 -7.26 10.94 -50.60
N ASP L 50 -7.44 11.29 -49.33
CA ASP L 50 -8.69 10.99 -48.64
C ASP L 50 -9.80 12.00 -48.92
N PHE L 51 -9.52 13.05 -49.70
CA PHE L 51 -10.49 14.12 -49.88
C PHE L 51 -11.82 13.60 -50.45
N THR L 52 -11.76 12.94 -51.61
CA THR L 52 -12.98 12.48 -52.28
C THR L 52 -13.81 11.59 -51.32
N ALA L 53 -13.14 10.68 -50.61
CA ALA L 53 -13.82 9.79 -49.67
C ALA L 53 -14.44 10.56 -48.52
N ALA L 54 -13.66 11.46 -47.93
CA ALA L 54 -14.14 12.30 -46.84
C ALA L 54 -15.37 13.10 -47.26
N VAL L 55 -15.33 13.72 -48.42
CA VAL L 55 -16.51 14.46 -48.92
C VAL L 55 -17.70 13.51 -49.06
N TYR L 56 -17.44 12.28 -49.50
CA TYR L 56 -18.51 11.29 -49.64
C TYR L 56 -19.22 11.07 -48.30
N TRP L 57 -18.47 10.82 -47.24
CA TRP L 57 -19.05 10.53 -45.93
C TRP L 57 -19.74 11.72 -45.28
N ILE L 58 -19.20 12.92 -45.49
CA ILE L 58 -19.82 14.12 -44.99
C ILE L 58 -21.17 14.36 -45.66
N LYS L 59 -21.26 14.09 -46.94
CA LYS L 59 -22.52 14.17 -47.63
C LYS L 59 -23.47 13.12 -47.13
N THR L 60 -22.96 11.89 -47.06
CA THR L 60 -23.73 10.74 -46.62
C THR L 60 -24.33 10.93 -45.23
N TYR L 61 -23.52 11.39 -44.27
CA TYR L 61 -24.00 11.62 -42.91
C TYR L 61 -24.58 13.02 -42.71
N GLN L 62 -24.62 13.83 -43.77
CA GLN L 62 -25.19 15.17 -43.73
C GLN L 62 -24.52 16.10 -42.70
N LEU L 63 -23.22 15.95 -42.55
CA LEU L 63 -22.43 16.78 -41.64
C LEU L 63 -22.09 18.12 -42.31
N PRO L 64 -21.87 19.18 -41.51
CA PRO L 64 -21.97 19.21 -40.06
C PRO L 64 -23.41 19.36 -39.62
N PRO L 65 -23.72 18.86 -38.41
CA PRO L 65 -25.03 19.07 -37.85
C PRO L 65 -25.14 20.54 -37.53
N ARG L 66 -26.37 21.02 -37.43
CA ARG L 66 -26.58 22.41 -37.09
C ARG L 66 -26.05 22.63 -35.68
N PRO L 67 -25.62 23.86 -35.39
CA PRO L 67 -24.92 24.18 -34.15
C PRO L 67 -25.88 24.53 -33.02
N ARG L 68 -25.33 24.89 -31.86
CA ARG L 68 -26.12 25.11 -30.65
C ARG L 68 -25.92 26.52 -30.07
N LYS M 5 -2.79 29.94 -67.03
CA LYS M 5 -3.01 30.44 -65.66
C LYS M 5 -4.22 29.70 -65.12
N ASP M 6 -4.79 30.24 -64.04
CA ASP M 6 -5.92 29.63 -63.34
C ASP M 6 -7.24 30.35 -63.64
N LYS M 7 -8.16 29.66 -64.31
CA LYS M 7 -9.45 30.24 -64.70
C LYS M 7 -10.53 29.92 -63.68
N ASP M 8 -11.55 30.76 -63.68
CA ASP M 8 -12.55 30.82 -62.62
C ASP M 8 -13.80 29.99 -62.99
N LEU M 9 -13.91 28.81 -62.41
CA LEU M 9 -14.90 27.81 -62.84
C LEU M 9 -16.31 28.06 -62.30
N LEU M 10 -16.43 28.15 -60.99
CA LEU M 10 -17.71 28.43 -60.32
C LEU M 10 -17.47 29.43 -59.24
N LYS M 11 -18.53 30.08 -58.79
CA LYS M 11 -18.43 30.99 -57.63
C LYS M 11 -19.79 31.12 -56.96
N GLY M 12 -19.83 31.83 -55.85
CA GLY M 12 -21.05 31.97 -55.07
C GLY M 12 -21.50 30.70 -54.40
N LEU M 13 -20.53 29.85 -54.04
CA LEU M 13 -20.84 28.53 -53.52
C LEU M 13 -20.82 28.42 -52.00
N ASP M 14 -21.73 27.58 -51.53
CA ASP M 14 -21.76 26.97 -50.21
C ASP M 14 -20.42 26.30 -49.95
N GLN M 15 -20.10 26.01 -48.69
CA GLN M 15 -18.85 25.28 -48.41
C GLN M 15 -18.94 23.83 -48.83
N GLU M 16 -20.12 23.23 -48.64
CA GLU M 16 -20.30 21.85 -48.97
C GLU M 16 -20.42 21.70 -50.48
N GLN M 17 -21.17 22.59 -51.13
CA GLN M 17 -21.19 22.63 -52.58
C GLN M 17 -19.78 22.67 -53.16
N ALA M 18 -18.96 23.56 -52.64
CA ALA M 18 -17.57 23.67 -53.09
C ALA M 18 -16.87 22.33 -53.00
N ASN M 19 -16.92 21.71 -51.82
CA ASN M 19 -16.23 20.43 -51.58
C ASN M 19 -16.63 19.33 -52.54
N GLU M 20 -17.94 19.20 -52.79
CA GLU M 20 -18.40 18.18 -53.70
C GLU M 20 -17.87 18.40 -55.12
N VAL M 21 -17.80 19.65 -55.55
CA VAL M 21 -17.28 19.93 -56.87
C VAL M 21 -15.82 19.47 -56.91
N ILE M 22 -15.06 19.76 -55.87
CA ILE M 22 -13.62 19.43 -55.87
C ILE M 22 -13.43 17.93 -55.83
N ALA M 23 -14.29 17.26 -55.06
CA ALA M 23 -14.27 15.81 -54.98
C ALA M 23 -14.50 15.18 -56.35
N VAL M 24 -15.55 15.60 -57.03
CA VAL M 24 -15.90 15.04 -58.34
C VAL M 24 -14.82 15.32 -59.37
N LEU M 25 -14.23 16.52 -59.33
CA LEU M 25 -13.12 16.83 -60.25
C LEU M 25 -11.88 15.97 -59.91
N GLN M 26 -11.61 15.78 -58.61
CA GLN M 26 -10.48 14.94 -58.18
C GLN M 26 -10.62 13.50 -58.66
N MET M 27 -11.85 12.99 -58.61
CA MET M 27 -12.14 11.67 -59.14
C MET M 27 -11.90 11.53 -60.62
N HIS M 28 -11.74 12.63 -61.35
CA HIS M 28 -11.45 12.56 -62.78
C HIS M 28 -10.17 13.28 -63.09
N ASN M 29 -9.24 13.21 -62.15
CA ASN M 29 -7.88 13.70 -62.36
C ASN M 29 -7.74 15.16 -62.71
N ILE M 30 -8.70 15.98 -62.29
CA ILE M 30 -8.61 17.41 -62.44
C ILE M 30 -8.43 17.97 -61.01
N GLU M 31 -7.34 18.69 -60.78
CA GLU M 31 -7.09 19.23 -59.47
C GLU M 31 -7.63 20.69 -59.45
N ALA M 32 -8.49 20.98 -58.48
CA ALA M 32 -9.14 22.29 -58.35
C ALA M 32 -8.78 22.98 -57.04
N ASN M 33 -8.86 24.30 -57.05
CA ASN M 33 -8.63 25.05 -55.82
C ASN M 33 -9.98 25.72 -55.38
N LYS M 34 -10.24 25.65 -54.08
CA LYS M 34 -11.41 26.23 -53.46
C LYS M 34 -10.96 27.51 -52.80
N ILE M 35 -11.70 28.59 -53.04
CA ILE M 35 -11.24 29.92 -52.63
C ILE M 35 -12.32 30.64 -51.85
N ASP M 36 -12.04 30.92 -50.59
CA ASP M 36 -13.01 31.59 -49.72
C ASP M 36 -13.02 33.07 -50.00
N SER M 37 -14.16 33.56 -50.46
CA SER M 37 -14.33 34.99 -50.71
C SER M 37 -15.31 35.59 -49.71
N GLY M 38 -15.31 35.04 -48.51
CA GLY M 38 -16.09 35.55 -47.40
C GLY M 38 -17.58 35.54 -47.66
N LYS M 39 -18.19 36.72 -47.65
CA LYS M 39 -19.64 36.86 -47.84
C LYS M 39 -20.07 36.51 -49.25
N LEU M 40 -19.14 36.38 -50.18
CA LEU M 40 -19.48 36.04 -51.55
C LEU M 40 -19.39 34.53 -51.77
N GLY M 41 -19.10 33.78 -50.72
CA GLY M 41 -19.01 32.32 -50.80
C GLY M 41 -17.70 31.84 -51.38
N TYR M 42 -17.65 30.56 -51.69
CA TYR M 42 -16.46 29.95 -52.29
C TYR M 42 -16.56 29.96 -53.80
N SER M 43 -15.40 30.05 -54.44
CA SER M 43 -15.28 29.85 -55.88
C SER M 43 -14.34 28.69 -56.13
N ILE M 44 -14.45 28.13 -57.32
CA ILE M 44 -13.61 27.03 -57.74
C ILE M 44 -12.77 27.50 -58.92
N THR M 45 -11.46 27.23 -58.87
CA THR M 45 -10.53 27.60 -59.98
C THR M 45 -10.17 26.19 -60.46
N VAL M 46 -10.06 25.98 -61.75
CA VAL M 46 -8.91 25.31 -62.37
C VAL M 46 -7.87 25.98 -63.27
N ALA M 47 -6.86 25.17 -63.61
CA ALA M 47 -5.87 25.48 -64.64
C ALA M 47 -6.55 25.53 -66.00
N GLU M 48 -6.29 26.58 -66.77
CA GLU M 48 -6.91 26.72 -68.10
C GLU M 48 -7.07 25.42 -68.91
N PRO M 49 -5.98 24.65 -69.12
CA PRO M 49 -6.11 23.36 -69.82
C PRO M 49 -7.28 22.48 -69.35
N ASP M 50 -7.52 22.44 -68.03
CA ASP M 50 -8.53 21.55 -67.48
C ASP M 50 -9.96 22.13 -67.56
N PHE M 51 -10.11 23.35 -68.06
CA PHE M 51 -11.43 24.01 -68.05
C PHE M 51 -12.50 23.18 -68.77
N THR M 52 -12.26 22.85 -70.05
CA THR M 52 -13.21 22.07 -70.90
C THR M 52 -13.65 20.79 -70.16
N ALA M 53 -12.66 20.06 -69.64
CA ALA M 53 -12.92 18.80 -68.93
C ALA M 53 -13.73 19.02 -67.67
N ALA M 54 -13.31 19.98 -66.87
CA ALA M 54 -14.00 20.31 -65.63
C ALA M 54 -15.45 20.68 -65.89
N VAL M 55 -15.71 21.52 -66.89
CA VAL M 55 -17.07 21.86 -67.24
C VAL M 55 -17.85 20.60 -67.64
N TYR M 56 -17.19 19.67 -68.34
CA TYR M 56 -17.83 18.43 -68.74
C TYR M 56 -18.35 17.68 -67.52
N TRP M 57 -17.50 17.48 -66.52
CA TRP M 57 -17.88 16.70 -65.33
C TRP M 57 -18.92 17.40 -64.45
N ILE M 58 -18.85 18.72 -64.37
CA ILE M 58 -19.84 19.50 -63.61
C ILE M 58 -21.23 19.38 -64.27
N LYS M 59 -21.28 19.39 -65.61
CA LYS M 59 -22.53 19.13 -66.34
C LYS M 59 -23.01 17.70 -66.10
N THR M 60 -22.09 16.77 -66.28
CA THR M 60 -22.36 15.34 -66.14
C THR M 60 -22.92 14.99 -64.77
N TYR M 61 -22.28 15.48 -63.70
CA TYR M 61 -22.74 15.20 -62.33
C TYR M 61 -23.78 16.21 -61.83
N GLN M 62 -24.16 17.16 -62.68
CA GLN M 62 -25.16 18.17 -62.36
C GLN M 62 -24.83 19.01 -61.11
N LEU M 63 -23.54 19.34 -60.96
CA LEU M 63 -23.07 20.14 -59.86
C LEU M 63 -23.26 21.62 -60.18
N PRO M 64 -23.40 22.47 -59.16
CA PRO M 64 -23.45 22.12 -57.74
C PRO M 64 -24.83 21.63 -57.30
N PRO M 65 -24.87 20.79 -56.25
CA PRO M 65 -26.14 20.38 -55.67
C PRO M 65 -26.72 21.56 -54.91
N ARG M 66 -27.96 21.48 -54.44
CA ARG M 66 -28.55 22.68 -53.78
C ARG M 66 -28.17 22.77 -52.26
N LYS N 5 -9.90 8.59 11.63
CA LYS N 5 -10.88 8.83 12.74
C LYS N 5 -11.24 10.31 12.95
N ASP N 6 -10.24 11.17 13.19
CA ASP N 6 -10.45 12.61 13.41
C ASP N 6 -10.11 13.40 12.16
N LYS N 7 -11.11 14.05 11.55
CA LYS N 7 -10.92 14.81 10.34
C LYS N 7 -10.72 16.29 10.63
N ASP N 8 -10.11 16.96 9.67
CA ASP N 8 -9.58 18.31 9.82
C ASP N 8 -10.58 19.37 9.31
N LEU N 9 -11.26 20.02 10.23
CA LEU N 9 -12.43 20.86 9.89
C LEU N 9 -12.05 22.25 9.36
N LEU N 10 -11.27 22.98 10.17
CA LEU N 10 -10.81 24.33 9.81
C LEU N 10 -9.36 24.43 10.20
N LYS N 11 -8.66 25.39 9.62
CA LYS N 11 -7.26 25.66 10.01
C LYS N 11 -6.93 27.10 9.68
N GLY N 12 -5.72 27.51 10.06
CA GLY N 12 -5.27 28.87 9.87
C GLY N 12 -6.02 29.88 10.71
N LEU N 13 -6.46 29.45 11.89
CA LEU N 13 -7.32 30.27 12.74
C LEU N 13 -6.58 31.02 13.84
N ASP N 14 -7.11 32.20 14.08
CA ASP N 14 -6.90 33.00 15.27
C ASP N 14 -7.22 32.17 16.51
N GLN N 15 -6.76 32.58 17.68
CA GLN N 15 -7.10 31.85 18.90
C GLN N 15 -8.56 32.07 19.28
N GLU N 16 -9.06 33.30 19.07
CA GLU N 16 -10.44 33.60 19.42
C GLU N 16 -11.35 32.95 18.41
N GLN N 17 -11.02 33.06 17.14
CA GLN N 17 -11.77 32.36 16.10
C GLN N 17 -11.94 30.90 16.45
N ALA N 18 -10.84 30.25 16.81
CA ALA N 18 -10.88 28.85 17.17
C ALA N 18 -11.89 28.65 18.26
N ASN N 19 -11.79 29.41 19.35
CA ASN N 19 -12.66 29.23 20.52
C ASN N 19 -14.15 29.35 20.21
N GLU N 20 -14.49 30.32 19.39
CA GLU N 20 -15.88 30.52 19.01
C GLU N 20 -16.43 29.34 18.22
N VAL N 21 -15.61 28.78 17.34
CA VAL N 21 -16.02 27.61 16.59
C VAL N 21 -16.31 26.45 17.55
N ILE N 22 -15.44 26.25 18.54
CA ILE N 22 -15.61 25.14 19.47
C ILE N 22 -16.81 25.34 20.37
N ALA N 23 -17.03 26.59 20.77
CA ALA N 23 -18.22 26.98 21.55
C ALA N 23 -19.51 26.63 20.80
N VAL N 24 -19.61 27.09 19.55
CA VAL N 24 -20.80 26.87 18.75
C VAL N 24 -21.02 25.38 18.49
N LEU N 25 -19.96 24.63 18.23
CA LEU N 25 -20.11 23.18 18.06
C LEU N 25 -20.53 22.49 19.36
N GLN N 26 -19.97 22.94 20.49
CA GLN N 26 -20.34 22.40 21.79
C GLN N 26 -21.82 22.62 22.09
N MET N 27 -22.32 23.81 21.72
CA MET N 27 -23.74 24.13 21.85
C MET N 27 -24.64 23.23 21.01
N HIS N 28 -24.09 22.48 20.05
CA HIS N 28 -24.90 21.55 19.27
C HIS N 28 -24.36 20.15 19.39
N ASN N 29 -23.83 19.83 20.58
CA ASN N 29 -23.43 18.47 20.94
C ASN N 29 -22.37 17.84 20.07
N ILE N 30 -21.52 18.66 19.47
CA ILE N 30 -20.34 18.17 18.74
C ILE N 30 -19.10 18.59 19.52
N GLU N 31 -18.29 17.61 19.90
CA GLU N 31 -17.09 17.87 20.67
C GLU N 31 -15.97 18.07 19.62
N ALA N 32 -15.27 19.21 19.70
CA ALA N 32 -14.15 19.50 18.77
C ALA N 32 -12.85 19.69 19.52
N ASN N 33 -11.75 19.46 18.82
CA ASN N 33 -10.43 19.72 19.36
C ASN N 33 -9.81 20.92 18.66
N LYS N 34 -9.17 21.76 19.47
CA LYS N 34 -8.43 22.90 18.98
C LYS N 34 -6.95 22.52 19.02
N ILE N 35 -6.24 22.76 17.93
CA ILE N 35 -4.88 22.28 17.78
C ILE N 35 -3.93 23.42 17.38
N ASP N 36 -2.98 23.74 18.27
CA ASP N 36 -2.05 24.83 18.02
C ASP N 36 -0.96 24.36 17.08
N SER N 37 -0.90 24.97 15.91
CA SER N 37 0.15 24.68 14.95
C SER N 37 1.08 25.89 14.81
N GLY N 38 1.27 26.61 15.93
CA GLY N 38 2.26 27.68 16.02
C GLY N 38 1.99 28.81 15.05
N LYS N 39 2.95 29.05 14.15
CA LYS N 39 2.85 30.13 13.18
C LYS N 39 1.77 29.89 12.14
N LEU N 40 1.24 28.68 12.05
CA LEU N 40 0.17 28.36 11.11
C LEU N 40 -1.22 28.53 11.74
N GLY N 41 -1.26 28.98 12.99
CA GLY N 41 -2.51 29.19 13.69
C GLY N 41 -3.12 27.90 14.21
N TYR N 42 -4.36 28.01 14.69
CA TYR N 42 -5.08 26.86 15.22
C TYR N 42 -5.90 26.19 14.13
N SER N 43 -6.08 24.89 14.27
CA SER N 43 -6.99 24.13 13.45
C SER N 43 -8.04 23.50 14.35
N ILE N 44 -9.18 23.12 13.76
CA ILE N 44 -10.25 22.47 14.46
C ILE N 44 -10.47 21.10 13.86
N THR N 45 -10.62 20.10 14.72
CA THR N 45 -10.71 18.72 14.33
C THR N 45 -12.12 18.47 14.85
N VAL N 46 -12.99 17.76 14.13
CA VAL N 46 -13.76 16.64 14.64
C VAL N 46 -13.62 15.17 14.25
N ALA N 47 -14.41 14.34 14.94
CA ALA N 47 -14.61 12.94 14.61
C ALA N 47 -15.36 12.83 13.28
N GLU N 48 -14.88 11.99 12.38
CA GLU N 48 -15.52 11.83 11.06
C GLU N 48 -17.06 11.89 11.08
N PRO N 49 -17.73 11.05 11.89
CA PRO N 49 -19.20 11.11 11.98
C PRO N 49 -19.77 12.52 12.11
N ASP N 50 -19.12 13.36 12.90
CA ASP N 50 -19.64 14.70 13.19
C ASP N 50 -19.33 15.73 12.10
N PHE N 51 -18.59 15.33 11.07
CA PHE N 51 -18.14 16.29 10.05
C PHE N 51 -19.31 17.03 9.42
N THR N 52 -20.24 16.28 8.83
CA THR N 52 -21.36 16.88 8.13
C THR N 52 -22.10 17.88 9.00
N ALA N 53 -22.39 17.46 10.24
CA ALA N 53 -23.11 18.31 11.20
C ALA N 53 -22.31 19.56 11.51
N ALA N 54 -21.03 19.36 11.82
CA ALA N 54 -20.15 20.47 12.15
C ALA N 54 -20.12 21.49 11.01
N VAL N 55 -19.97 21.01 9.78
CA VAL N 55 -19.97 21.93 8.62
C VAL N 55 -21.29 22.68 8.56
N TYR N 56 -22.39 21.99 8.90
CA TYR N 56 -23.70 22.63 8.88
C TYR N 56 -23.73 23.83 9.81
N TRP N 57 -23.29 23.64 11.05
CA TRP N 57 -23.34 24.71 12.05
C TRP N 57 -22.39 25.87 11.74
N ILE N 58 -21.23 25.56 11.19
CA ILE N 58 -20.27 26.59 10.80
C ILE N 58 -20.85 27.46 9.69
N LYS N 59 -21.54 26.84 8.74
CA LYS N 59 -22.23 27.57 7.69
C LYS N 59 -23.32 28.42 8.31
N THR N 60 -24.13 27.77 9.14
CA THR N 60 -25.28 28.40 9.79
C THR N 60 -24.88 29.61 10.61
N TYR N 61 -23.85 29.49 11.44
CA TYR N 61 -23.38 30.61 12.27
C TYR N 61 -22.36 31.49 11.56
N GLN N 62 -22.04 31.18 10.30
CA GLN N 62 -21.10 31.95 9.48
C GLN N 62 -19.71 32.09 10.11
N LEU N 63 -19.26 31.02 10.75
CA LEU N 63 -17.94 30.99 11.35
C LEU N 63 -16.89 30.66 10.28
N PRO N 64 -15.63 31.08 10.49
CA PRO N 64 -15.16 31.87 11.61
C PRO N 64 -15.46 33.34 11.42
N PRO N 65 -15.61 34.08 12.52
CA PRO N 65 -15.75 35.53 12.44
C PRO N 65 -14.42 36.10 11.97
N ARG N 66 -14.44 37.32 11.42
CA ARG N 66 -13.19 37.98 11.02
C ARG N 66 -12.39 38.31 12.29
N PRO N 67 -11.11 38.64 12.13
CA PRO N 67 -10.43 39.09 13.34
C PRO N 67 -9.84 40.48 13.19
#